data_2HA4
#
_entry.id   2HA4
#
_cell.length_a   79.671
_cell.length_b   111.730
_cell.length_c   228.159
_cell.angle_alpha   90.00
_cell.angle_beta   90.00
_cell.angle_gamma   90.00
#
_symmetry.space_group_name_H-M   'P 21 21 21'
#
loop_
_entity.id
_entity.type
_entity.pdbx_description
1 polymer Acetylcholinesterase
2 non-polymer 'ACETATE ION'
3 non-polymer ACETYLCHOLINE
4 non-polymer 'HEXAETHYLENE GLYCOL'
5 water water
#
_entity_poly.entity_id   1
_entity_poly.type   'polypeptide(L)'
_entity_poly.pdbx_seq_one_letter_code
;EGREDPQLLVRVRGGQLRGIRLKAPGGPVSAFLGIPFAEPPVGSRRFMPPEPKRPWSGVLDATTFQNVCYQYVDTLYPGF
EGTEMWNPNRELSEDCLYLNVWTPYPRPASPTPVLIWIYGGGFYSGAASLDVYDGRFLAQVEGAVLVSMNYRVGTFGFLA
LPGSREAPGNVGLLDQRLALQWVQENIAAFGGDPMSVTLFGEAAGAASVGMHILSLPSRSLFHRAVLQSGTPNGPWATVS
AGEARRRATLLARLVGCPPGGAGGNDTELIACLRTRPAQDLVDHEWHVLPQESIFRFSFVPVVDGDFLSDTPEALINTGD
FQDLQVLVGVVKDEGSYFLVYGVPGFSKDNESLISRAQFLAGVRIGVPQASDLAAEAVVLHYTDWLHPEDPTHLRDAMSA
VVGDHNVVCPVAQLAGRLAAQGARVYAYIFEHRASTLTWPLWMGVPHGYEIEFIFGLPLDPSLNYTTEERIFAQRLMKYW
TNFARTGDPNDPRDSKSPQWPPYTTAAQQYVSLNLKPLEVRRGLRAQTCAFWNRFLPKLLSAT
;
_entity_poly.pdbx_strand_id   A,B
#
loop_
_chem_comp.id
_chem_comp.type
_chem_comp.name
_chem_comp.formula
ACH non-polymer ACETYLCHOLINE 'C7 H16 N O2 1'
ACT non-polymer 'ACETATE ION' 'C2 H3 O2 -1'
P6G non-polymer 'HEXAETHYLENE GLYCOL' 'C12 H26 O7'
#
# COMPACT_ATOMS: atom_id res chain seq x y z
N GLU A 1 -53.14 -13.09 43.08
CA GLU A 1 -53.06 -11.61 42.85
C GLU A 1 -54.11 -10.88 43.69
N GLY A 2 -54.15 -9.57 43.55
CA GLY A 2 -55.10 -8.76 44.32
C GLY A 2 -54.38 -7.68 45.07
N ARG A 3 -53.18 -8.00 45.56
CA ARG A 3 -52.37 -7.08 46.37
C ARG A 3 -51.15 -6.55 45.62
N GLU A 4 -50.88 -7.09 44.43
CA GLU A 4 -49.69 -6.74 43.66
C GLU A 4 -49.90 -5.55 42.74
N ASP A 5 -48.79 -5.05 42.17
CA ASP A 5 -48.85 -3.96 41.22
C ASP A 5 -49.48 -4.43 39.91
N PRO A 6 -50.71 -3.95 39.62
CA PRO A 6 -51.51 -4.41 38.47
C PRO A 6 -50.82 -4.12 37.13
N GLN A 7 -49.72 -3.39 37.18
CA GLN A 7 -49.00 -3.01 35.98
C GLN A 7 -47.83 -3.95 35.67
N LEU A 8 -47.66 -4.97 36.51
CA LEU A 8 -46.59 -5.93 36.31
C LEU A 8 -47.10 -7.32 35.96
N LEU A 9 -48.41 -7.44 35.78
CA LEU A 9 -49.01 -8.71 35.43
C LEU A 9 -49.38 -8.72 33.94
N VAL A 10 -48.76 -9.63 33.21
CA VAL A 10 -48.94 -9.73 31.76
C VAL A 10 -49.10 -11.20 31.38
N ARG A 11 -49.94 -11.50 30.39
CA ARG A 11 -50.06 -12.85 29.84
C ARG A 11 -49.38 -12.97 28.49
N VAL A 12 -48.61 -14.05 28.31
CA VAL A 12 -48.07 -14.46 27.00
C VAL A 12 -48.57 -15.86 26.58
N ARG A 13 -48.16 -16.34 25.40
CA ARG A 13 -48.69 -17.60 24.84
C ARG A 13 -48.53 -18.81 25.77
N GLY A 14 -47.42 -18.83 26.50
CA GLY A 14 -47.15 -19.89 27.45
C GLY A 14 -47.76 -19.69 28.83
N GLY A 15 -48.32 -18.51 29.08
CA GLY A 15 -49.03 -18.29 30.36
C GLY A 15 -48.83 -16.93 31.00
N GLN A 16 -49.09 -16.87 32.31
CA GLN A 16 -49.04 -15.62 33.07
C GLN A 16 -47.65 -15.27 33.60
N LEU A 17 -47.29 -13.99 33.54
CA LEU A 17 -45.97 -13.50 34.01
C LEU A 17 -46.14 -12.42 35.04
N ARG A 18 -45.21 -12.35 35.99
CA ARG A 18 -45.11 -11.24 36.94
C ARG A 18 -43.72 -10.62 36.82
N GLY A 19 -43.67 -9.33 36.51
CA GLY A 19 -42.42 -8.61 36.38
C GLY A 19 -42.14 -7.67 37.54
N ILE A 20 -41.16 -6.78 37.35
CA ILE A 20 -40.66 -5.93 38.43
C ILE A 20 -40.50 -4.48 37.98
N ARG A 21 -40.90 -3.56 38.86
CA ARG A 21 -40.69 -2.15 38.67
C ARG A 21 -39.23 -1.80 39.00
N LEU A 22 -38.46 -1.39 38.01
CA LEU A 22 -37.07 -0.95 38.22
C LEU A 22 -36.92 0.57 38.20
N LYS A 23 -35.90 1.08 38.89
CA LYS A 23 -35.58 2.52 38.90
C LYS A 23 -34.58 2.88 37.84
N ALA A 24 -34.92 3.85 37.01
CA ALA A 24 -33.95 4.49 36.13
C ALA A 24 -33.81 5.92 36.60
N PRO A 25 -32.68 6.57 36.24
CA PRO A 25 -32.45 7.94 36.74
C PRO A 25 -33.66 8.86 36.60
N GLY A 26 -34.37 8.77 35.48
CA GLY A 26 -35.48 9.68 35.18
C GLY A 26 -36.87 9.20 35.56
N GLY A 27 -36.95 7.97 36.10
CA GLY A 27 -38.23 7.40 36.53
C GLY A 27 -38.27 5.88 36.42
N PRO A 28 -39.41 5.26 36.75
CA PRO A 28 -39.53 3.79 36.75
C PRO A 28 -39.62 3.19 35.34
N VAL A 29 -39.20 1.92 35.24
CA VAL A 29 -39.45 1.09 34.06
C VAL A 29 -39.99 -0.29 34.45
N SER A 30 -40.62 -0.97 33.49
CA SER A 30 -41.11 -2.32 33.68
C SER A 30 -40.08 -3.33 33.14
N ALA A 31 -39.76 -4.35 33.92
CA ALA A 31 -38.86 -5.38 33.47
C ALA A 31 -39.47 -6.75 33.66
N PHE A 32 -39.28 -7.60 32.65
CA PHE A 32 -39.73 -9.00 32.72
C PHE A 32 -38.52 -9.87 32.39
N LEU A 33 -37.88 -10.38 33.43
CA LEU A 33 -36.59 -11.07 33.26
C LEU A 33 -36.72 -12.59 33.41
N GLY A 34 -35.90 -13.33 32.66
CA GLY A 34 -35.94 -14.78 32.69
C GLY A 34 -37.24 -15.44 32.21
N ILE A 35 -37.82 -14.92 31.11
CA ILE A 35 -38.97 -15.57 30.47
C ILE A 35 -38.46 -16.73 29.59
N PRO A 36 -38.94 -17.95 29.83
CA PRO A 36 -38.41 -19.08 29.02
C PRO A 36 -39.03 -19.06 27.63
N PHE A 37 -38.26 -19.33 26.59
CA PHE A 37 -38.83 -19.34 25.23
C PHE A 37 -38.58 -20.66 24.49
N ALA A 38 -37.92 -21.60 25.17
CA ALA A 38 -37.66 -22.94 24.63
C ALA A 38 -37.69 -23.98 25.74
N GLU A 39 -37.89 -25.24 25.37
CA GLU A 39 -37.67 -26.34 26.29
C GLU A 39 -36.18 -26.37 26.63
N PRO A 40 -35.84 -26.56 27.92
CA PRO A 40 -34.41 -26.63 28.29
C PRO A 40 -33.63 -27.59 27.37
N PRO A 41 -32.58 -27.10 26.70
CA PRO A 41 -31.86 -27.96 25.75
C PRO A 41 -30.91 -28.93 26.45
N VAL A 42 -31.46 -29.75 27.35
CA VAL A 42 -30.64 -30.63 28.19
C VAL A 42 -30.79 -32.12 27.85
N GLY A 43 -29.80 -32.92 28.26
CA GLY A 43 -29.87 -34.37 28.10
C GLY A 43 -29.85 -34.72 26.61
N SER A 44 -30.91 -35.38 26.15
CA SER A 44 -31.00 -35.84 24.75
C SER A 44 -31.15 -34.68 23.77
N ARG A 45 -31.36 -33.48 24.31
CA ARG A 45 -31.61 -32.29 23.50
C ARG A 45 -30.37 -31.45 23.24
N ARG A 46 -29.26 -31.81 23.88
CA ARG A 46 -27.97 -31.15 23.65
C ARG A 46 -27.57 -31.32 22.20
N PHE A 47 -27.11 -30.22 21.58
CA PHE A 47 -26.73 -30.14 20.15
C PHE A 47 -27.92 -30.06 19.21
N MET A 48 -29.12 -30.31 19.73
CA MET A 48 -30.36 -30.28 18.93
C MET A 48 -30.96 -28.87 18.81
N PRO A 49 -31.66 -28.61 17.68
CA PRO A 49 -32.43 -27.36 17.54
C PRO A 49 -33.36 -27.15 18.74
N PRO A 50 -33.68 -25.89 19.07
CA PRO A 50 -34.56 -25.68 20.21
C PRO A 50 -35.99 -26.03 19.86
N GLU A 51 -36.70 -26.58 20.85
CA GLU A 51 -38.15 -26.75 20.75
C GLU A 51 -38.86 -25.65 21.52
N PRO A 52 -39.96 -25.11 20.98
CA PRO A 52 -40.63 -24.00 21.67
C PRO A 52 -41.11 -24.41 23.06
N LYS A 53 -41.04 -23.49 24.03
CA LYS A 53 -41.44 -23.75 25.40
C LYS A 53 -42.90 -24.18 25.54
N ARG A 54 -43.14 -25.24 26.29
CA ARG A 54 -44.50 -25.71 26.56
C ARG A 54 -45.15 -24.84 27.65
N PRO A 55 -46.45 -24.54 27.52
CA PRO A 55 -47.11 -23.63 28.49
C PRO A 55 -47.01 -24.09 29.94
N TRP A 56 -46.85 -23.14 30.85
CA TRP A 56 -46.80 -23.42 32.29
C TRP A 56 -48.13 -23.08 32.96
N SER A 57 -48.32 -23.61 34.17
CA SER A 57 -49.50 -23.29 34.94
C SER A 57 -49.15 -22.25 36.00
N GLY A 58 -50.08 -21.34 36.27
CA GLY A 58 -49.89 -20.31 37.28
C GLY A 58 -49.04 -19.15 36.80
N VAL A 59 -48.58 -18.34 37.75
CA VAL A 59 -47.86 -17.11 37.41
C VAL A 59 -46.36 -17.32 37.51
N LEU A 60 -45.69 -17.22 36.36
CA LEU A 60 -44.24 -17.33 36.33
C LEU A 60 -43.57 -16.05 36.83
N ASP A 61 -42.71 -16.19 37.83
CA ASP A 61 -41.93 -15.06 38.32
C ASP A 61 -40.87 -14.62 37.30
N ALA A 62 -40.96 -13.37 36.86
CA ALA A 62 -40.02 -12.81 35.89
C ALA A 62 -39.32 -11.57 36.46
N THR A 63 -38.83 -11.72 37.70
CA THR A 63 -38.23 -10.60 38.41
C THR A 63 -36.69 -10.70 38.49
N THR A 64 -36.10 -11.84 38.08
CA THR A 64 -34.64 -12.00 38.12
C THR A 64 -34.09 -12.61 36.84
N PHE A 65 -32.86 -12.23 36.48
CA PHE A 65 -32.18 -12.86 35.36
C PHE A 65 -32.07 -14.38 35.58
N GLN A 66 -32.18 -15.14 34.51
CA GLN A 66 -32.00 -16.56 34.57
C GLN A 66 -30.54 -16.98 34.33
N ASN A 67 -30.28 -18.29 34.37
CA ASN A 67 -28.94 -18.83 34.15
C ASN A 67 -28.31 -18.38 32.82
N VAL A 68 -26.99 -18.22 32.85
CA VAL A 68 -26.16 -17.98 31.70
C VAL A 68 -25.82 -19.32 31.02
N CYS A 69 -25.74 -19.32 29.68
CA CYS A 69 -25.45 -20.56 28.95
C CYS A 69 -24.06 -21.09 29.26
N TYR A 70 -23.94 -22.40 29.37
CA TYR A 70 -22.68 -22.98 29.81
C TYR A 70 -21.51 -22.53 28.94
N GLN A 71 -20.43 -22.07 29.56
CA GLN A 71 -19.37 -21.42 28.79
C GLN A 71 -18.06 -21.31 29.52
N TYR A 72 -16.98 -21.18 28.73
CA TYR A 72 -15.65 -20.82 29.18
C TYR A 72 -15.68 -19.52 29.99
N VAL A 73 -14.95 -19.50 31.11
CA VAL A 73 -14.87 -18.32 31.97
C VAL A 73 -13.47 -17.73 31.97
N ASP A 74 -13.36 -16.46 31.60
CA ASP A 74 -12.05 -15.83 31.44
C ASP A 74 -11.20 -15.70 32.72
N THR A 75 -9.96 -16.19 32.62
CA THR A 75 -8.99 -16.23 33.72
C THR A 75 -7.69 -15.44 33.45
N LEU A 76 -7.61 -14.68 32.34
CA LEU A 76 -6.36 -14.00 31.97
C LEU A 76 -5.90 -13.00 33.03
N TYR A 77 -6.81 -12.09 33.45
CA TYR A 77 -6.53 -11.15 34.53
C TYR A 77 -7.55 -11.23 35.67
N PRO A 78 -7.32 -12.15 36.61
CA PRO A 78 -8.24 -12.40 37.75
C PRO A 78 -8.42 -11.19 38.67
N GLY A 79 -9.67 -10.73 38.84
CA GLY A 79 -9.98 -9.56 39.68
C GLY A 79 -10.19 -8.27 38.90
N PHE A 80 -9.68 -8.26 37.65
CA PHE A 80 -9.59 -7.08 36.81
C PHE A 80 -10.92 -6.79 36.15
N GLU A 81 -11.43 -5.57 36.35
CA GLU A 81 -12.75 -5.21 35.84
C GLU A 81 -12.87 -5.29 34.32
N GLY A 82 -11.79 -4.90 33.63
CA GLY A 82 -11.76 -4.85 32.19
C GLY A 82 -12.16 -6.13 31.50
N THR A 83 -11.88 -7.27 32.16
CA THR A 83 -12.28 -8.58 31.67
C THR A 83 -13.50 -9.13 32.44
N GLU A 84 -13.58 -8.88 33.74
CA GLU A 84 -14.63 -9.49 34.53
C GLU A 84 -16.02 -8.96 34.19
N MET A 85 -16.10 -7.76 33.64
CA MET A 85 -17.41 -7.22 33.24
C MET A 85 -18.05 -8.03 32.11
N TRP A 86 -17.26 -8.88 31.44
CA TRP A 86 -17.77 -9.69 30.36
C TRP A 86 -18.10 -11.13 30.82
N ASN A 87 -17.62 -11.48 32.00
CA ASN A 87 -17.82 -12.79 32.57
C ASN A 87 -19.28 -13.05 33.04
N PRO A 88 -19.69 -14.34 33.06
CA PRO A 88 -21.04 -14.68 33.55
C PRO A 88 -21.37 -14.05 34.90
N ASN A 89 -22.56 -13.47 35.01
CA ASN A 89 -23.02 -12.89 36.28
C ASN A 89 -24.18 -13.65 36.90
N ARG A 90 -24.47 -14.84 36.38
CA ARG A 90 -25.44 -15.79 36.98
C ARG A 90 -24.85 -17.21 36.90
N GLU A 91 -25.50 -18.17 37.53
CA GLU A 91 -25.10 -19.57 37.48
C GLU A 91 -24.98 -20.06 36.02
N LEU A 92 -23.94 -20.83 35.74
CA LEU A 92 -23.81 -21.48 34.43
C LEU A 92 -24.71 -22.70 34.35
N SER A 93 -25.49 -22.80 33.29
CA SER A 93 -26.34 -23.99 33.10
C SER A 93 -26.67 -24.23 31.64
N GLU A 94 -26.84 -25.50 31.28
CA GLU A 94 -27.32 -25.85 29.94
C GLU A 94 -28.77 -25.42 29.80
N ASP A 95 -29.47 -25.35 30.94
CA ASP A 95 -30.83 -24.81 31.01
C ASP A 95 -30.73 -23.29 31.08
N CYS A 96 -30.77 -22.65 29.92
CA CYS A 96 -30.41 -21.25 29.82
C CYS A 96 -31.20 -20.46 28.78
N LEU A 97 -32.14 -21.10 28.08
CA LEU A 97 -32.85 -20.43 27.00
C LEU A 97 -33.98 -19.49 27.49
N TYR A 98 -33.59 -18.30 27.94
CA TYR A 98 -34.53 -17.34 28.50
C TYR A 98 -34.33 -15.99 27.85
N LEU A 99 -35.36 -15.16 27.84
CA LEU A 99 -35.24 -13.80 27.32
C LEU A 99 -35.75 -12.74 28.32
N ASN A 100 -35.39 -11.48 28.05
CA ASN A 100 -35.72 -10.35 28.92
C ASN A 100 -36.41 -9.24 28.13
N VAL A 101 -37.35 -8.56 28.77
CA VAL A 101 -38.08 -7.45 28.17
C VAL A 101 -38.08 -6.24 29.10
N TRP A 102 -37.71 -5.07 28.59
CA TRP A 102 -37.91 -3.80 29.31
C TRP A 102 -38.86 -2.92 28.52
N THR A 103 -39.73 -2.20 29.23
CA THR A 103 -40.72 -1.32 28.63
C THR A 103 -40.93 -0.11 29.55
N PRO A 104 -41.40 1.01 29.00
CA PRO A 104 -41.89 2.12 29.82
C PRO A 104 -42.80 1.66 30.96
N TYR A 105 -42.84 2.47 32.03
CA TYR A 105 -43.75 2.26 33.12
C TYR A 105 -44.51 3.56 33.34
N PRO A 106 -45.84 3.54 33.20
CA PRO A 106 -46.61 2.35 32.80
C PRO A 106 -46.37 1.97 31.34
N ARG A 107 -46.84 0.79 30.94
CA ARG A 107 -46.62 0.32 29.57
C ARG A 107 -47.28 1.26 28.58
N PRO A 108 -46.60 1.50 27.44
CA PRO A 108 -47.11 2.42 26.41
C PRO A 108 -48.49 1.98 25.90
N ALA A 109 -49.36 2.95 25.64
CA ALA A 109 -50.75 2.66 25.23
C ALA A 109 -50.91 2.47 23.71
N SER A 110 -49.92 2.93 22.95
CA SER A 110 -49.87 2.77 21.50
C SER A 110 -48.64 1.90 21.11
N PRO A 111 -48.74 1.12 20.01
CA PRO A 111 -47.65 0.20 19.61
C PRO A 111 -46.29 0.87 19.37
N THR A 112 -45.28 0.39 20.09
CA THR A 112 -43.98 1.01 20.18
C THR A 112 -42.93 0.18 19.47
N PRO A 113 -42.07 0.83 18.65
CA PRO A 113 -40.93 0.16 18.01
C PRO A 113 -40.09 -0.64 19.01
N VAL A 114 -39.68 -1.84 18.58
CA VAL A 114 -38.99 -2.81 19.41
C VAL A 114 -37.53 -2.90 18.99
N LEU A 115 -36.61 -2.95 19.97
CA LEU A 115 -35.21 -3.21 19.72
C LEU A 115 -34.81 -4.56 20.33
N ILE A 116 -34.20 -5.43 19.53
CA ILE A 116 -33.74 -6.73 20.02
C ILE A 116 -32.21 -6.83 20.02
N TRP A 117 -31.64 -7.02 21.21
CA TRP A 117 -30.19 -7.11 21.38
C TRP A 117 -29.67 -8.54 21.28
N ILE A 118 -28.54 -8.73 20.57
CA ILE A 118 -27.89 -10.05 20.51
C ILE A 118 -26.43 -9.88 20.90
N TYR A 119 -26.05 -10.38 22.09
CA TYR A 119 -24.69 -10.21 22.58
C TYR A 119 -23.62 -10.93 21.75
N GLY A 120 -22.40 -10.39 21.83
CA GLY A 120 -21.20 -11.01 21.27
C GLY A 120 -20.39 -11.73 22.33
N GLY A 121 -19.18 -12.15 21.95
CA GLY A 121 -18.36 -13.08 22.75
C GLY A 121 -17.88 -14.32 21.96
N GLY A 122 -17.61 -14.10 20.68
CA GLY A 122 -16.96 -15.11 19.85
C GLY A 122 -17.78 -16.37 19.59
N PHE A 123 -19.07 -16.34 19.94
CA PHE A 123 -19.93 -17.53 19.91
C PHE A 123 -19.53 -18.57 20.97
N TYR A 124 -18.68 -18.20 21.93
CA TYR A 124 -18.27 -19.09 23.03
C TYR A 124 -18.60 -18.52 24.42
N SER A 125 -19.07 -17.27 24.47
CA SER A 125 -19.36 -16.63 25.75
C SER A 125 -20.42 -15.56 25.57
N GLY A 126 -20.83 -14.96 26.69
CA GLY A 126 -21.80 -13.87 26.64
C GLY A 126 -23.08 -14.18 27.39
N ALA A 127 -23.86 -13.14 27.64
CA ALA A 127 -25.10 -13.27 28.41
C ALA A 127 -25.93 -12.00 28.25
N ALA A 128 -27.25 -12.14 28.26
CA ALA A 128 -28.09 -10.96 28.11
C ALA A 128 -28.22 -10.21 29.44
N SER A 129 -27.73 -10.81 30.52
CA SER A 129 -27.83 -10.30 31.89
C SER A 129 -26.70 -9.38 32.36
N LEU A 130 -25.64 -9.21 31.57
CA LEU A 130 -24.54 -8.31 31.94
C LEU A 130 -25.00 -6.88 32.12
N ASP A 131 -24.28 -6.15 32.96
CA ASP A 131 -24.63 -4.77 33.29
C ASP A 131 -24.65 -3.82 32.09
N VAL A 132 -23.74 -4.03 31.14
CA VAL A 132 -23.65 -3.14 29.98
C VAL A 132 -24.80 -3.32 28.99
N TYR A 133 -25.58 -4.38 29.16
CA TYR A 133 -26.72 -4.62 28.28
C TYR A 133 -28.07 -4.28 28.96
N ASP A 134 -28.01 -3.52 30.05
CA ASP A 134 -29.19 -3.10 30.85
C ASP A 134 -30.12 -2.23 30.00
N GLY A 135 -31.30 -2.75 29.67
CA GLY A 135 -32.26 -2.02 28.84
C GLY A 135 -33.05 -0.89 29.49
N ARG A 136 -32.90 -0.68 30.79
CA ARG A 136 -33.72 0.32 31.50
C ARG A 136 -33.61 1.75 30.96
N PHE A 137 -32.43 2.14 30.48
CA PHE A 137 -32.22 3.54 30.06
C PHE A 137 -32.91 3.85 28.73
N LEU A 138 -32.75 2.96 27.77
CA LEU A 138 -33.44 3.09 26.48
C LEU A 138 -34.95 3.04 26.66
N ALA A 139 -35.41 2.14 27.53
CA ALA A 139 -36.82 2.06 27.88
C ALA A 139 -37.32 3.38 28.47
N GLN A 140 -36.65 3.89 29.49
CA GLN A 140 -37.10 5.08 30.19
C GLN A 140 -36.94 6.36 29.36
N VAL A 141 -35.77 6.60 28.80
CA VAL A 141 -35.49 7.86 28.13
C VAL A 141 -36.09 7.92 26.72
N GLU A 142 -36.01 6.82 25.98
CA GLU A 142 -36.50 6.81 24.59
C GLU A 142 -37.90 6.22 24.41
N GLY A 143 -38.46 5.62 25.46
CA GLY A 143 -39.76 4.96 25.38
C GLY A 143 -39.71 3.64 24.62
N ALA A 144 -38.51 3.09 24.42
CA ALA A 144 -38.32 1.85 23.64
C ALA A 144 -38.77 0.58 24.37
N VAL A 145 -39.15 -0.44 23.60
CA VAL A 145 -39.29 -1.80 24.12
C VAL A 145 -38.02 -2.54 23.74
N LEU A 146 -37.28 -2.99 24.75
CA LEU A 146 -36.03 -3.65 24.49
C LEU A 146 -36.13 -5.10 24.95
N VAL A 147 -35.66 -5.99 24.09
CA VAL A 147 -35.70 -7.42 24.30
C VAL A 147 -34.30 -7.98 24.10
N SER A 148 -33.88 -8.88 24.99
CA SER A 148 -32.63 -9.58 24.78
C SER A 148 -32.76 -11.05 25.18
N MET A 149 -32.02 -11.91 24.50
CA MET A 149 -32.13 -13.35 24.74
C MET A 149 -30.78 -14.00 25.01
N ASN A 150 -30.81 -15.06 25.81
CA ASN A 150 -29.67 -15.96 25.89
C ASN A 150 -29.76 -16.89 24.69
N TYR A 151 -28.60 -17.28 24.14
CA TYR A 151 -28.54 -18.31 23.12
C TYR A 151 -27.32 -19.16 23.41
N ARG A 152 -27.36 -20.42 23.00
CA ARG A 152 -26.26 -21.33 23.30
C ARG A 152 -24.97 -20.95 22.58
N VAL A 153 -23.87 -21.10 23.31
CA VAL A 153 -22.55 -20.77 22.79
C VAL A 153 -21.64 -21.99 22.85
N GLY A 154 -20.47 -21.90 22.22
CA GLY A 154 -19.47 -22.97 22.31
C GLY A 154 -19.98 -24.24 21.66
N THR A 155 -19.48 -25.38 22.12
CA THR A 155 -19.94 -26.66 21.62
C THR A 155 -21.47 -26.77 21.71
N PHE A 156 -22.04 -26.37 22.84
CA PHE A 156 -23.49 -26.52 23.06
C PHE A 156 -24.29 -25.81 21.99
N GLY A 157 -23.75 -24.68 21.54
CA GLY A 157 -24.43 -23.90 20.50
C GLY A 157 -24.04 -24.23 19.08
N PHE A 158 -22.81 -24.68 18.86
CA PHE A 158 -22.26 -24.67 17.51
C PHE A 158 -21.47 -25.88 17.06
N LEU A 159 -21.28 -26.86 17.96
CA LEU A 159 -20.63 -28.09 17.54
C LEU A 159 -21.53 -28.73 16.49
N ALA A 160 -20.93 -29.17 15.39
CA ALA A 160 -21.70 -29.73 14.28
C ALA A 160 -21.04 -30.92 13.61
N LEU A 161 -21.86 -31.95 13.35
CA LEU A 161 -21.50 -32.95 12.35
C LEU A 161 -22.43 -32.72 11.16
N PRO A 162 -22.00 -31.85 10.22
CA PRO A 162 -22.90 -31.42 9.15
C PRO A 162 -23.46 -32.62 8.37
N GLY A 163 -24.77 -32.59 8.10
CA GLY A 163 -25.47 -33.72 7.49
C GLY A 163 -26.20 -34.64 8.47
N SER A 164 -25.74 -34.69 9.73
CA SER A 164 -26.39 -35.54 10.74
C SER A 164 -27.74 -34.97 11.19
N ARG A 165 -28.54 -35.78 11.87
CA ARG A 165 -29.81 -35.30 12.43
C ARG A 165 -29.61 -34.75 13.84
N GLU A 166 -28.66 -35.36 14.55
CA GLU A 166 -28.51 -35.19 15.98
C GLU A 166 -27.64 -33.97 16.35
N ALA A 167 -26.86 -33.48 15.40
CA ALA A 167 -25.99 -32.34 15.59
C ALA A 167 -25.79 -31.59 14.27
N PRO A 168 -26.85 -30.93 13.79
CA PRO A 168 -26.83 -30.33 12.44
C PRO A 168 -26.07 -29.01 12.36
N GLY A 169 -25.67 -28.45 13.50
CA GLY A 169 -24.97 -27.18 13.54
C GLY A 169 -25.89 -25.97 13.59
N ASN A 170 -25.31 -24.80 13.87
CA ASN A 170 -26.05 -23.52 13.91
C ASN A 170 -27.21 -23.45 14.91
N VAL A 171 -27.31 -24.35 15.89
CA VAL A 171 -28.46 -24.35 16.79
C VAL A 171 -28.54 -23.10 17.70
N GLY A 172 -27.38 -22.52 18.02
CA GLY A 172 -27.34 -21.22 18.72
C GLY A 172 -28.04 -20.10 17.94
N LEU A 173 -27.96 -20.17 16.62
CA LEU A 173 -28.64 -19.23 15.74
C LEU A 173 -30.14 -19.53 15.73
N LEU A 174 -30.48 -20.80 15.80
CA LEU A 174 -31.86 -21.23 15.89
C LEU A 174 -32.50 -20.79 17.22
N ASP A 175 -31.71 -20.80 18.31
CA ASP A 175 -32.17 -20.24 19.60
C ASP A 175 -32.56 -18.78 19.38
N GLN A 176 -31.67 -18.03 18.73
CA GLN A 176 -31.92 -16.63 18.42
C GLN A 176 -33.20 -16.45 17.59
N ARG A 177 -33.34 -17.23 16.52
CA ARG A 177 -34.54 -17.13 15.65
C ARG A 177 -35.84 -17.43 16.41
N LEU A 178 -35.82 -18.45 17.26
CA LEU A 178 -36.96 -18.78 18.12
C LEU A 178 -37.37 -17.61 19.04
N ALA A 179 -36.39 -16.87 19.55
CA ALA A 179 -36.67 -15.70 20.37
C ALA A 179 -37.27 -14.58 19.50
N LEU A 180 -36.85 -14.48 18.23
CA LEU A 180 -37.47 -13.52 17.32
C LEU A 180 -38.93 -13.89 17.04
N GLN A 181 -39.23 -15.20 16.96
CA GLN A 181 -40.59 -15.70 16.73
C GLN A 181 -41.45 -15.40 17.95
N TRP A 182 -40.85 -15.53 19.13
CA TRP A 182 -41.49 -15.23 20.38
C TRP A 182 -41.93 -13.76 20.42
N VAL A 183 -41.08 -12.86 19.91
CA VAL A 183 -41.40 -11.44 19.90
C VAL A 183 -42.59 -11.20 18.97
N GLN A 184 -42.59 -11.85 17.80
CA GLN A 184 -43.71 -11.71 16.85
C GLN A 184 -45.04 -12.08 17.47
N GLU A 185 -45.06 -13.15 18.27
CA GLU A 185 -46.32 -13.63 18.83
C GLU A 185 -46.76 -12.84 20.07
N ASN A 186 -45.79 -12.35 20.84
CA ASN A 186 -46.06 -11.92 22.21
C ASN A 186 -45.79 -10.46 22.56
N ILE A 187 -44.91 -9.80 21.83
CA ILE A 187 -44.48 -8.44 22.21
C ILE A 187 -45.64 -7.42 22.32
N ALA A 188 -46.74 -7.65 21.59
CA ALA A 188 -47.88 -6.74 21.69
C ALA A 188 -48.53 -6.75 23.07
N ALA A 189 -48.35 -7.85 23.82
CA ALA A 189 -48.88 -7.97 25.18
C ALA A 189 -48.18 -6.96 26.09
N PHE A 190 -47.00 -6.51 25.67
CA PHE A 190 -46.18 -5.55 26.43
C PHE A 190 -46.28 -4.15 25.83
N GLY A 191 -47.10 -3.98 24.80
CA GLY A 191 -47.20 -2.69 24.12
C GLY A 191 -46.18 -2.50 23.02
N GLY A 192 -45.46 -3.58 22.68
CA GLY A 192 -44.50 -3.55 21.58
C GLY A 192 -45.15 -3.78 20.22
N ASP A 193 -44.60 -3.16 19.19
CA ASP A 193 -45.10 -3.25 17.81
C ASP A 193 -44.35 -4.33 17.03
N PRO A 194 -45.01 -5.45 16.73
CA PRO A 194 -44.30 -6.54 16.05
C PRO A 194 -43.95 -6.19 14.61
N MET A 195 -44.55 -5.13 14.09
CA MET A 195 -44.29 -4.71 12.71
C MET A 195 -43.14 -3.69 12.61
N SER A 196 -42.55 -3.33 13.76
CA SER A 196 -41.35 -2.50 13.78
C SER A 196 -40.35 -3.08 14.80
N VAL A 197 -39.57 -4.05 14.32
CA VAL A 197 -38.56 -4.77 15.10
C VAL A 197 -37.19 -4.58 14.48
N THR A 198 -36.26 -3.98 15.23
CA THR A 198 -34.89 -3.69 14.80
C THR A 198 -33.92 -4.58 15.57
N LEU A 199 -33.14 -5.40 14.85
CA LEU A 199 -32.09 -6.19 15.51
C LEU A 199 -30.87 -5.31 15.72
N PHE A 200 -30.21 -5.44 16.87
CA PHE A 200 -28.85 -4.90 17.02
C PHE A 200 -27.96 -5.84 17.83
N GLY A 201 -26.65 -5.74 17.62
CA GLY A 201 -25.72 -6.65 18.23
C GLY A 201 -24.30 -6.22 18.02
N GLU A 202 -23.41 -6.65 18.92
CA GLU A 202 -22.03 -6.28 18.78
C GLU A 202 -21.16 -7.51 18.57
N ALA A 203 -20.11 -7.34 17.76
CA ALA A 203 -19.13 -8.40 17.49
C ALA A 203 -19.81 -9.69 16.98
N ALA A 204 -19.69 -10.82 17.67
CA ALA A 204 -20.42 -12.04 17.25
C ALA A 204 -21.95 -11.83 17.18
N GLY A 205 -22.47 -10.91 18.02
CA GLY A 205 -23.87 -10.55 17.98
C GLY A 205 -24.20 -9.90 16.65
N ALA A 206 -23.28 -9.04 16.18
CA ALA A 206 -23.42 -8.41 14.89
C ALA A 206 -23.32 -9.41 13.74
N ALA A 207 -22.39 -10.37 13.83
CA ALA A 207 -22.34 -11.40 12.79
C ALA A 207 -23.67 -12.17 12.76
N SER A 208 -24.15 -12.54 13.96
CA SER A 208 -25.48 -13.14 14.10
C SER A 208 -26.55 -12.32 13.35
N VAL A 209 -26.59 -11.01 13.59
CA VAL A 209 -27.60 -10.15 12.98
C VAL A 209 -27.51 -10.27 11.46
N GLY A 210 -26.29 -10.25 10.96
CA GLY A 210 -26.01 -10.35 9.53
C GLY A 210 -26.42 -11.69 8.99
N MET A 211 -26.25 -12.75 9.78
CA MET A 211 -26.71 -14.06 9.34
C MET A 211 -28.24 -14.17 9.27
N HIS A 212 -28.94 -13.45 10.15
CA HIS A 212 -30.40 -13.39 10.06
C HIS A 212 -30.85 -12.66 8.81
N ILE A 213 -30.10 -11.63 8.43
CA ILE A 213 -30.33 -10.93 7.16
C ILE A 213 -30.16 -11.90 5.99
N LEU A 214 -29.19 -12.81 6.10
CA LEU A 214 -28.85 -13.68 4.97
C LEU A 214 -29.63 -15.00 4.95
N SER A 215 -30.44 -15.24 5.98
CA SER A 215 -31.23 -16.47 6.11
C SER A 215 -32.72 -16.23 5.97
N LEU A 216 -33.32 -16.78 4.91
CA LEU A 216 -34.69 -16.45 4.51
C LEU A 216 -35.78 -16.63 5.59
N PRO A 217 -35.78 -17.76 6.33
CA PRO A 217 -36.77 -17.88 7.41
C PRO A 217 -36.70 -16.80 8.51
N SER A 218 -35.58 -16.07 8.61
CA SER A 218 -35.41 -15.03 9.63
C SER A 218 -35.89 -13.69 9.14
N ARG A 219 -35.92 -13.54 7.83
CA ARG A 219 -36.18 -12.26 7.19
C ARG A 219 -37.54 -11.64 7.50
N SER A 220 -38.55 -12.48 7.72
CA SER A 220 -39.89 -12.00 8.02
C SER A 220 -40.08 -11.63 9.49
N LEU A 221 -39.01 -11.73 10.28
CA LEU A 221 -39.12 -11.57 11.73
C LEU A 221 -38.59 -10.25 12.23
N PHE A 222 -38.08 -9.44 11.32
CA PHE A 222 -37.53 -8.12 11.66
C PHE A 222 -37.51 -7.21 10.44
N HIS A 223 -37.31 -5.91 10.65
CA HIS A 223 -37.48 -4.92 9.59
C HIS A 223 -36.21 -4.10 9.31
N ARG A 224 -35.38 -3.92 10.34
CA ARG A 224 -34.15 -3.13 10.22
C ARG A 224 -33.05 -3.77 11.07
N ALA A 225 -31.79 -3.40 10.82
CA ALA A 225 -30.66 -4.10 11.42
C ALA A 225 -29.49 -3.18 11.71
N VAL A 226 -28.90 -3.38 12.89
CA VAL A 226 -27.69 -2.65 13.32
C VAL A 226 -26.54 -3.64 13.60
N LEU A 227 -25.38 -3.41 12.99
CA LEU A 227 -24.21 -4.27 13.17
C LEU A 227 -22.99 -3.50 13.72
N GLN A 228 -22.71 -3.70 15.00
CA GLN A 228 -21.60 -3.00 15.67
C GLN A 228 -20.39 -3.90 15.75
N SER A 229 -19.32 -3.52 15.04
CA SER A 229 -18.02 -4.20 15.15
C SER A 229 -18.07 -5.70 14.84
N GLY A 230 -18.80 -6.08 13.79
CA GLY A 230 -18.84 -7.48 13.39
C GLY A 230 -19.69 -7.71 12.17
N THR A 231 -19.35 -8.77 11.43
CA THR A 231 -19.99 -9.05 10.13
C THR A 231 -20.14 -10.55 9.93
N PRO A 232 -21.13 -10.97 9.12
CA PRO A 232 -21.22 -12.41 8.85
C PRO A 232 -20.11 -12.89 7.89
N ASN A 233 -19.60 -12.00 7.04
CA ASN A 233 -18.44 -12.29 6.20
C ASN A 233 -17.17 -12.08 7.02
N GLY A 234 -16.01 -12.44 6.46
CA GLY A 234 -14.75 -12.30 7.19
C GLY A 234 -14.18 -13.61 7.68
N PRO A 235 -12.99 -13.59 8.30
CA PRO A 235 -12.22 -14.81 8.59
C PRO A 235 -12.61 -15.64 9.83
N TRP A 236 -13.47 -15.10 10.69
CA TRP A 236 -13.79 -15.78 11.97
C TRP A 236 -15.26 -16.16 12.19
N ALA A 237 -16.19 -15.48 11.52
CA ALA A 237 -17.63 -15.65 11.87
C ALA A 237 -18.23 -17.00 11.45
N THR A 238 -17.62 -17.67 10.48
CA THR A 238 -18.14 -18.96 10.00
C THR A 238 -17.03 -19.97 9.71
N VAL A 239 -17.41 -21.23 9.49
CA VAL A 239 -16.46 -22.25 9.05
C VAL A 239 -17.10 -23.12 7.95
N SER A 240 -16.27 -23.79 7.17
CA SER A 240 -16.77 -24.76 6.19
C SER A 240 -17.43 -25.95 6.90
N ALA A 241 -18.31 -26.65 6.21
CA ALA A 241 -18.84 -27.90 6.73
C ALA A 241 -17.67 -28.87 7.07
N GLY A 242 -16.68 -28.96 6.19
CA GLY A 242 -15.55 -29.88 6.37
C GLY A 242 -14.74 -29.56 7.61
N GLU A 243 -14.51 -28.27 7.85
CA GLU A 243 -13.73 -27.86 9.01
C GLU A 243 -14.54 -28.06 10.30
N ALA A 244 -15.84 -27.80 10.24
CA ALA A 244 -16.68 -28.03 11.42
C ALA A 244 -16.66 -29.53 11.80
N ARG A 245 -16.78 -30.41 10.80
CA ARG A 245 -16.69 -31.85 11.03
C ARG A 245 -15.37 -32.20 11.72
N ARG A 246 -14.27 -31.67 11.20
CA ARG A 246 -12.96 -31.95 11.75
C ARG A 246 -12.84 -31.48 13.21
N ARG A 247 -13.36 -30.31 13.56
CA ARG A 247 -13.25 -29.86 14.96
C ARG A 247 -14.14 -30.66 15.91
N ALA A 248 -15.33 -31.02 15.47
CA ALA A 248 -16.25 -31.82 16.28
C ALA A 248 -15.66 -33.18 16.56
N THR A 249 -15.02 -33.78 15.55
CA THR A 249 -14.46 -35.12 15.65
C THR A 249 -13.28 -35.15 16.59
N LEU A 250 -12.41 -34.14 16.50
CA LEU A 250 -11.25 -34.03 17.38
C LEU A 250 -11.68 -33.82 18.83
N LEU A 251 -12.59 -32.88 19.07
CA LEU A 251 -13.11 -32.65 20.40
C LEU A 251 -13.66 -33.96 20.95
N ALA A 252 -14.45 -34.65 20.13
CA ALA A 252 -14.96 -35.97 20.50
C ALA A 252 -13.83 -36.89 20.99
N ARG A 253 -12.76 -37.00 20.20
CA ARG A 253 -11.57 -37.79 20.59
C ARG A 253 -10.97 -37.34 21.93
N LEU A 254 -10.72 -36.04 22.06
CA LEU A 254 -10.13 -35.47 23.27
C LEU A 254 -10.92 -35.74 24.56
N VAL A 255 -12.21 -36.04 24.45
CA VAL A 255 -13.03 -36.37 25.62
C VAL A 255 -13.42 -37.85 25.67
N GLY A 256 -12.80 -38.66 24.81
CA GLY A 256 -12.96 -40.11 24.90
C GLY A 256 -14.15 -40.69 24.16
N CYS A 257 -14.61 -40.02 23.12
CA CYS A 257 -15.70 -40.48 22.26
C CYS A 257 -15.10 -40.77 20.89
N PRO A 258 -15.05 -42.05 20.48
CA PRO A 258 -14.00 -42.49 19.54
C PRO A 258 -14.14 -41.89 18.14
N ASN A 265 -19.85 -43.65 12.08
CA ASN A 265 -21.26 -43.37 12.30
C ASN A 265 -21.40 -42.15 13.21
N ASP A 266 -22.18 -41.17 12.78
CA ASP A 266 -22.37 -39.93 13.55
C ASP A 266 -23.23 -40.10 14.81
N THR A 267 -24.28 -40.92 14.71
CA THR A 267 -25.15 -41.23 15.86
C THR A 267 -24.38 -41.65 17.11
N GLU A 268 -23.51 -42.66 17.01
CA GLU A 268 -22.71 -43.15 18.15
C GLU A 268 -21.85 -42.06 18.79
N LEU A 269 -21.16 -41.31 17.93
CA LEU A 269 -20.28 -40.25 18.39
C LEU A 269 -21.06 -39.17 19.15
N ILE A 270 -22.17 -38.71 18.57
CA ILE A 270 -23.00 -37.69 19.20
C ILE A 270 -23.60 -38.21 20.50
N ALA A 271 -24.09 -39.45 20.48
CA ALA A 271 -24.64 -40.07 21.68
C ALA A 271 -23.60 -40.12 22.81
N CYS A 272 -22.36 -40.41 22.47
CA CYS A 272 -21.30 -40.44 23.46
C CYS A 272 -20.98 -39.03 23.96
N LEU A 273 -20.92 -38.05 23.07
CA LEU A 273 -20.80 -36.66 23.50
C LEU A 273 -21.93 -36.22 24.45
N ARG A 274 -23.13 -36.74 24.26
CA ARG A 274 -24.26 -36.33 25.09
C ARG A 274 -24.16 -36.87 26.52
N THR A 275 -23.32 -37.89 26.72
CA THR A 275 -23.05 -38.42 28.06
C THR A 275 -21.96 -37.63 28.82
N ARG A 276 -21.33 -36.66 28.18
CA ARG A 276 -20.23 -35.96 28.81
C ARG A 276 -20.72 -34.77 29.63
N PRO A 277 -20.10 -34.56 30.81
CA PRO A 277 -20.45 -33.40 31.64
C PRO A 277 -20.17 -32.14 30.85
N ALA A 278 -21.00 -31.11 31.02
CA ALA A 278 -20.81 -29.85 30.31
C ALA A 278 -19.40 -29.28 30.47
N GLN A 279 -18.83 -29.44 31.66
CA GLN A 279 -17.54 -28.81 31.97
C GLN A 279 -16.40 -29.43 31.17
N ASP A 280 -16.50 -30.74 30.90
CA ASP A 280 -15.49 -31.45 30.10
C ASP A 280 -15.41 -30.89 28.69
N LEU A 281 -16.55 -30.60 28.08
CA LEU A 281 -16.59 -30.03 26.75
C LEU A 281 -15.87 -28.69 26.76
N VAL A 282 -16.26 -27.84 27.70
CA VAL A 282 -15.60 -26.54 27.85
C VAL A 282 -14.08 -26.69 28.07
N ASP A 283 -13.68 -27.63 28.95
CA ASP A 283 -12.26 -27.86 29.25
C ASP A 283 -11.42 -28.19 27.99
N HIS A 284 -12.08 -28.69 26.94
CA HIS A 284 -11.34 -29.09 25.77
C HIS A 284 -11.60 -28.25 24.52
N GLU A 285 -12.49 -27.26 24.61
CA GLU A 285 -12.87 -26.54 23.40
C GLU A 285 -11.77 -25.67 22.75
N TRP A 286 -10.72 -25.33 23.48
CA TRP A 286 -9.61 -24.56 22.88
C TRP A 286 -8.48 -25.44 22.34
N HIS A 287 -8.68 -26.76 22.30
CA HIS A 287 -7.64 -27.65 21.81
C HIS A 287 -7.88 -28.11 20.36
N VAL A 288 -8.78 -27.45 19.63
CA VAL A 288 -9.17 -27.94 18.32
C VAL A 288 -8.91 -26.98 17.17
N LEU A 289 -8.40 -25.79 17.48
CA LEU A 289 -8.05 -24.79 16.45
C LEU A 289 -6.87 -25.24 15.58
N PRO A 290 -6.93 -25.02 14.25
CA PRO A 290 -5.88 -25.54 13.38
C PRO A 290 -4.50 -24.87 13.53
N GLN A 291 -4.48 -23.62 13.98
CA GLN A 291 -3.22 -22.88 14.16
C GLN A 291 -3.21 -22.16 15.53
N GLU A 292 -2.02 -21.80 16.02
CA GLU A 292 -1.89 -20.86 17.12
C GLU A 292 -2.43 -19.50 16.63
N SER A 293 -3.45 -18.97 17.31
CA SER A 293 -4.16 -17.80 16.80
C SER A 293 -4.80 -16.87 17.83
N ILE A 294 -5.18 -15.67 17.40
CA ILE A 294 -6.07 -14.81 18.18
C ILE A 294 -7.23 -14.44 17.24
N PHE A 295 -8.36 -14.06 17.81
CA PHE A 295 -9.55 -13.69 17.05
C PHE A 295 -10.01 -14.85 16.16
N ARG A 296 -9.82 -16.06 16.66
CA ARG A 296 -10.39 -17.27 16.05
C ARG A 296 -11.08 -18.05 17.16
N PHE A 297 -12.21 -18.66 16.84
CA PHE A 297 -13.04 -19.31 17.85
C PHE A 297 -13.42 -20.68 17.35
N SER A 298 -13.43 -21.68 18.25
CA SER A 298 -13.54 -23.08 17.86
C SER A 298 -14.86 -23.50 17.23
N PHE A 299 -15.97 -23.05 17.81
CA PHE A 299 -17.29 -23.49 17.40
C PHE A 299 -18.13 -22.27 17.07
N VAL A 300 -18.41 -22.12 15.79
CA VAL A 300 -19.06 -20.92 15.24
C VAL A 300 -20.07 -21.37 14.17
N PRO A 301 -20.93 -20.44 13.70
CA PRO A 301 -21.82 -20.83 12.60
C PRO A 301 -21.11 -21.59 11.49
N VAL A 302 -21.81 -22.56 10.94
CA VAL A 302 -21.25 -23.41 9.89
C VAL A 302 -22.05 -23.18 8.60
N VAL A 303 -21.35 -23.21 7.46
CA VAL A 303 -22.03 -23.11 6.18
C VAL A 303 -22.62 -24.50 5.86
N ASP A 304 -23.85 -24.71 6.33
CA ASP A 304 -24.54 -26.00 6.20
C ASP A 304 -25.31 -26.21 4.90
N GLY A 305 -25.55 -25.15 4.15
CA GLY A 305 -26.42 -25.22 2.96
C GLY A 305 -27.89 -25.31 3.34
N ASP A 306 -28.23 -24.80 4.53
CA ASP A 306 -29.56 -24.86 5.12
C ASP A 306 -29.84 -23.50 5.79
N PHE A 307 -29.38 -23.28 7.03
CA PHE A 307 -29.44 -21.93 7.64
C PHE A 307 -28.68 -20.94 6.76
N LEU A 308 -27.45 -21.31 6.38
CA LEU A 308 -26.68 -20.53 5.43
C LEU A 308 -26.61 -21.32 4.13
N SER A 309 -27.39 -20.91 3.12
CA SER A 309 -27.49 -21.69 1.90
C SER A 309 -26.20 -21.68 1.08
N ASP A 310 -25.38 -20.66 1.29
CA ASP A 310 -24.04 -20.57 0.72
C ASP A 310 -23.16 -19.77 1.71
N THR A 311 -21.88 -19.58 1.37
CA THR A 311 -21.00 -18.79 2.22
C THR A 311 -21.55 -17.37 2.32
N PRO A 312 -21.35 -16.70 3.48
CA PRO A 312 -21.75 -15.30 3.59
C PRO A 312 -21.18 -14.39 2.48
N GLU A 313 -19.95 -14.68 2.03
CA GLU A 313 -19.34 -13.94 0.88
C GLU A 313 -20.23 -14.04 -0.38
N ALA A 314 -20.59 -15.26 -0.77
CA ALA A 314 -21.43 -15.44 -1.94
C ALA A 314 -22.80 -14.78 -1.78
N LEU A 315 -23.35 -14.79 -0.57
CA LEU A 315 -24.69 -14.24 -0.32
C LEU A 315 -24.76 -12.71 -0.36
N ILE A 316 -23.74 -12.03 0.16
CA ILE A 316 -23.69 -10.56 0.04
C ILE A 316 -23.39 -10.11 -1.42
N ASN A 317 -22.63 -10.90 -2.17
CA ASN A 317 -22.34 -10.57 -3.58
C ASN A 317 -23.51 -10.74 -4.55
N THR A 318 -24.48 -11.60 -4.24
CA THR A 318 -25.58 -11.85 -5.18
C THR A 318 -26.96 -11.47 -4.63
N GLY A 319 -27.02 -11.18 -3.34
CA GLY A 319 -28.29 -10.84 -2.70
C GLY A 319 -28.96 -9.58 -3.25
N ASP A 320 -30.27 -9.51 -3.06
CA ASP A 320 -31.08 -8.33 -3.37
C ASP A 320 -31.50 -7.69 -2.04
N PHE A 321 -31.03 -6.47 -1.78
CA PHE A 321 -31.26 -5.82 -0.48
C PHE A 321 -32.02 -4.49 -0.54
N GLN A 322 -32.84 -4.31 -1.59
CA GLN A 322 -33.62 -3.10 -1.82
C GLN A 322 -34.44 -2.68 -0.59
N ASP A 323 -35.07 -3.66 0.04
CA ASP A 323 -35.93 -3.46 1.21
C ASP A 323 -35.20 -3.13 2.54
N LEU A 324 -33.86 -3.17 2.53
CA LEU A 324 -33.11 -3.24 3.78
C LEU A 324 -32.52 -1.91 4.25
N GLN A 325 -32.61 -1.68 5.56
CA GLN A 325 -31.95 -0.55 6.17
C GLN A 325 -31.03 -0.99 7.31
N VAL A 326 -29.77 -0.58 7.19
CA VAL A 326 -28.72 -1.01 8.09
C VAL A 326 -27.87 0.14 8.59
N LEU A 327 -27.53 0.03 9.87
CA LEU A 327 -26.53 0.86 10.47
C LEU A 327 -25.36 -0.08 10.87
N VAL A 328 -24.15 0.26 10.41
CA VAL A 328 -22.94 -0.53 10.64
C VAL A 328 -21.82 0.38 11.09
N GLY A 329 -20.87 -0.15 11.85
CA GLY A 329 -19.72 0.66 12.24
C GLY A 329 -18.68 -0.07 13.04
N VAL A 330 -17.62 0.66 13.40
CA VAL A 330 -16.47 0.09 14.09
C VAL A 330 -16.01 1.06 15.20
N VAL A 331 -15.19 0.55 16.12
CA VAL A 331 -14.54 1.41 17.12
C VAL A 331 -13.14 1.72 16.58
N LYS A 332 -12.46 2.70 17.17
CA LYS A 332 -11.18 3.15 16.62
C LYS A 332 -10.07 2.11 16.73
N ASP A 333 -10.12 1.25 17.75
CA ASP A 333 -9.03 0.28 17.99
C ASP A 333 -9.56 -1.14 18.16
N GLU A 334 -10.01 -1.73 17.06
CA GLU A 334 -10.66 -3.04 17.15
C GLU A 334 -9.73 -4.14 17.64
N GLY A 335 -8.45 -4.06 17.31
CA GLY A 335 -7.54 -5.17 17.50
C GLY A 335 -6.85 -5.27 18.84
N SER A 336 -6.68 -4.12 19.52
CA SER A 336 -5.79 -4.03 20.68
C SER A 336 -6.11 -5.05 21.79
N TYR A 337 -7.38 -5.16 22.13
CA TYR A 337 -7.88 -6.14 23.13
C TYR A 337 -7.33 -7.56 22.95
N PHE A 338 -7.28 -8.01 21.69
CA PHE A 338 -6.94 -9.37 21.38
C PHE A 338 -5.46 -9.70 21.52
N LEU A 339 -4.63 -8.65 21.47
CA LEU A 339 -3.19 -8.83 21.48
C LEU A 339 -2.66 -9.46 22.76
N VAL A 340 -3.32 -9.17 23.89
CA VAL A 340 -2.90 -9.69 25.19
C VAL A 340 -3.33 -11.14 25.42
N TYR A 341 -4.13 -11.68 24.51
CA TYR A 341 -4.59 -13.05 24.64
C TYR A 341 -3.74 -14.06 23.84
N GLY A 342 -2.56 -13.67 23.39
CA GLY A 342 -1.75 -14.61 22.61
C GLY A 342 -0.56 -14.09 21.83
N VAL A 343 -0.41 -12.78 21.66
CA VAL A 343 0.79 -12.31 20.98
C VAL A 343 1.96 -12.01 21.95
N PRO A 344 3.05 -12.80 21.88
CA PRO A 344 4.11 -12.51 22.85
C PRO A 344 4.55 -11.05 22.73
N GLY A 345 4.78 -10.41 23.87
CA GLY A 345 5.28 -9.05 23.91
C GLY A 345 4.22 -8.12 24.43
N PHE A 346 2.96 -8.55 24.39
CA PHE A 346 1.83 -7.70 24.76
C PHE A 346 1.25 -8.01 26.13
N SER A 347 0.93 -6.95 26.87
CA SER A 347 0.40 -7.04 28.23
C SER A 347 -0.43 -5.82 28.57
N LYS A 348 -1.36 -5.97 29.51
CA LYS A 348 -2.16 -4.84 29.97
C LYS A 348 -1.37 -3.99 30.96
N ASP A 349 -0.30 -4.55 31.51
CA ASP A 349 0.42 -3.95 32.65
C ASP A 349 1.68 -3.16 32.28
N ASN A 350 1.99 -3.13 30.97
CA ASN A 350 3.04 -2.25 30.47
C ASN A 350 2.64 -1.72 29.08
N GLU A 351 3.54 -0.94 28.48
CA GLU A 351 3.29 -0.23 27.23
C GLU A 351 3.35 -1.12 25.99
N SER A 352 3.80 -2.35 26.16
CA SER A 352 3.87 -3.34 25.08
C SER A 352 4.64 -2.86 23.84
N LEU A 353 5.71 -2.09 24.05
CA LEU A 353 6.59 -1.73 22.96
C LEU A 353 7.27 -3.01 22.46
N ILE A 354 7.20 -3.28 21.15
CA ILE A 354 7.70 -4.55 20.62
C ILE A 354 8.79 -4.40 19.55
N SER A 355 9.51 -5.47 19.32
CA SER A 355 10.57 -5.49 18.31
C SER A 355 9.97 -5.82 16.93
N ARG A 356 10.75 -5.57 15.89
CA ARG A 356 10.41 -6.02 14.56
C ARG A 356 10.18 -7.57 14.51
N ALA A 357 11.07 -8.34 15.12
CA ALA A 357 10.87 -9.80 15.22
C ALA A 357 9.54 -10.19 15.92
N GLN A 358 9.21 -9.52 17.01
CA GLN A 358 7.97 -9.80 17.71
C GLN A 358 6.75 -9.43 16.87
N PHE A 359 6.92 -8.44 15.98
CA PHE A 359 5.88 -8.05 15.01
C PHE A 359 5.66 -9.12 13.96
N LEU A 360 6.74 -9.59 13.30
CA LEU A 360 6.62 -10.67 12.31
C LEU A 360 5.97 -11.94 12.92
N ALA A 361 6.33 -12.28 14.15
CA ALA A 361 5.72 -13.40 14.88
C ALA A 361 4.26 -13.12 15.23
N GLY A 362 3.93 -11.86 15.52
CA GLY A 362 2.57 -11.48 15.84
C GLY A 362 1.65 -11.59 14.62
N VAL A 363 2.16 -11.22 13.46
CA VAL A 363 1.41 -11.30 12.22
C VAL A 363 0.99 -12.74 11.89
N ARG A 364 1.86 -13.73 12.17
CA ARG A 364 1.52 -15.13 11.90
C ARG A 364 0.36 -15.60 12.79
N ILE A 365 0.32 -15.11 14.03
CA ILE A 365 -0.73 -15.50 14.97
C ILE A 365 -2.04 -14.73 14.65
N GLY A 366 -1.89 -13.46 14.28
CA GLY A 366 -3.02 -12.61 13.97
C GLY A 366 -3.66 -12.87 12.61
N VAL A 367 -2.87 -13.41 11.67
CA VAL A 367 -3.37 -13.78 10.37
C VAL A 367 -3.03 -15.25 10.22
N PRO A 368 -3.67 -16.11 11.03
CA PRO A 368 -3.27 -17.52 11.11
C PRO A 368 -3.36 -18.33 9.83
N GLN A 369 -4.24 -17.93 8.91
CA GLN A 369 -4.45 -18.68 7.66
C GLN A 369 -3.44 -18.28 6.56
N ALA A 370 -2.61 -17.29 6.84
CA ALA A 370 -1.68 -16.74 5.85
C ALA A 370 -0.47 -17.62 5.54
N SER A 371 -0.25 -17.85 4.26
CA SER A 371 0.99 -18.43 3.78
C SER A 371 2.13 -17.46 4.08
N ASP A 372 3.37 -17.88 3.85
CA ASP A 372 4.54 -17.05 4.12
C ASP A 372 4.58 -15.78 3.29
N LEU A 373 4.20 -15.91 2.02
CA LEU A 373 4.18 -14.78 1.10
C LEU A 373 3.12 -13.77 1.53
N ALA A 374 1.96 -14.26 1.95
CA ALA A 374 0.85 -13.41 2.35
C ALA A 374 1.18 -12.62 3.61
N ALA A 375 1.86 -13.26 4.55
CA ALA A 375 2.29 -12.63 5.80
C ALA A 375 3.37 -11.60 5.56
N GLU A 376 4.21 -11.85 4.56
CA GLU A 376 5.21 -10.90 4.14
C GLU A 376 4.55 -9.66 3.52
N ALA A 377 3.54 -9.86 2.69
CA ALA A 377 2.76 -8.72 2.20
C ALA A 377 2.20 -7.87 3.34
N VAL A 378 1.60 -8.50 4.36
CA VAL A 378 1.02 -7.81 5.52
C VAL A 378 2.07 -6.94 6.21
N VAL A 379 3.22 -7.56 6.49
CA VAL A 379 4.33 -6.90 7.16
C VAL A 379 4.85 -5.70 6.34
N LEU A 380 5.06 -5.91 5.04
CA LEU A 380 5.51 -4.83 4.18
C LEU A 380 4.49 -3.67 4.12
N HIS A 381 3.20 -4.00 4.06
CA HIS A 381 2.15 -3.00 4.04
C HIS A 381 2.08 -2.16 5.33
N TYR A 382 2.19 -2.82 6.48
CA TYR A 382 2.02 -2.12 7.74
C TYR A 382 3.31 -1.54 8.32
N THR A 383 4.47 -1.86 7.75
CA THR A 383 5.74 -1.28 8.18
C THR A 383 5.74 0.21 7.86
N ASP A 384 6.30 1.02 8.76
CA ASP A 384 6.63 2.39 8.45
C ASP A 384 8.08 2.46 7.96
N TRP A 385 8.29 2.61 6.65
CA TRP A 385 9.63 2.50 6.08
C TRP A 385 10.56 3.68 6.41
N LEU A 386 10.00 4.73 7.01
CA LEU A 386 10.79 5.81 7.61
C LEU A 386 11.36 5.44 8.96
N HIS A 387 10.64 4.65 9.75
CA HIS A 387 11.13 4.22 11.07
C HIS A 387 10.73 2.76 11.29
N PRO A 388 11.33 1.85 10.51
CA PRO A 388 10.90 0.43 10.49
C PRO A 388 11.10 -0.33 11.79
N GLU A 389 11.91 0.20 12.69
CA GLU A 389 12.23 -0.48 13.95
C GLU A 389 11.60 0.19 15.16
N ASP A 390 10.87 1.29 14.94
CA ASP A 390 10.24 2.00 16.04
C ASP A 390 9.19 1.11 16.78
N PRO A 391 9.44 0.81 18.05
CA PRO A 391 8.57 -0.09 18.82
C PRO A 391 7.17 0.44 19.07
N THR A 392 7.01 1.76 19.15
CA THR A 392 5.66 2.33 19.28
C THR A 392 4.87 2.08 17.98
N HIS A 393 5.47 2.37 16.83
CA HIS A 393 4.78 2.09 15.58
C HIS A 393 4.49 0.62 15.37
N LEU A 394 5.42 -0.24 15.74
CA LEU A 394 5.25 -1.67 15.61
C LEU A 394 4.13 -2.20 16.51
N ARG A 395 4.04 -1.69 17.73
CA ARG A 395 2.94 -2.03 18.62
C ARG A 395 1.61 -1.64 17.97
N ASP A 396 1.53 -0.40 17.48
CA ASP A 396 0.27 0.14 16.94
C ASP A 396 -0.13 -0.51 15.62
N ALA A 397 0.87 -0.88 14.81
CA ALA A 397 0.59 -1.61 13.56
C ALA A 397 0.05 -3.02 13.82
N MET A 398 0.62 -3.72 14.80
CA MET A 398 0.13 -5.03 15.19
C MET A 398 -1.36 -4.97 15.59
N SER A 399 -1.73 -3.93 16.32
CA SER A 399 -3.13 -3.74 16.66
C SER A 399 -4.01 -3.52 15.43
N ALA A 400 -3.50 -2.71 14.50
CA ALA A 400 -4.27 -2.35 13.32
C ALA A 400 -4.41 -3.55 12.37
N VAL A 401 -3.38 -4.39 12.32
CA VAL A 401 -3.44 -5.61 11.53
C VAL A 401 -4.65 -6.48 11.93
N VAL A 402 -4.75 -6.75 13.23
CA VAL A 402 -5.81 -7.58 13.78
C VAL A 402 -7.17 -6.90 13.63
N GLY A 403 -7.21 -5.59 13.88
CA GLY A 403 -8.44 -4.83 13.73
C GLY A 403 -8.95 -4.75 12.30
N ASP A 404 -8.04 -4.46 11.36
CA ASP A 404 -8.41 -4.33 9.96
C ASP A 404 -8.84 -5.67 9.36
N HIS A 405 -8.10 -6.71 9.72
CA HIS A 405 -8.32 -8.01 9.14
C HIS A 405 -9.65 -8.63 9.59
N ASN A 406 -10.02 -8.43 10.84
CA ASN A 406 -11.16 -9.12 11.42
C ASN A 406 -12.45 -8.33 11.47
N VAL A 407 -12.33 -7.00 11.55
CA VAL A 407 -13.50 -6.15 11.72
C VAL A 407 -13.60 -5.05 10.68
N VAL A 408 -12.63 -4.14 10.65
CA VAL A 408 -12.76 -2.93 9.80
C VAL A 408 -12.97 -3.28 8.32
N CYS A 409 -12.14 -4.14 7.75
CA CYS A 409 -12.28 -4.45 6.33
C CYS A 409 -13.47 -5.38 5.99
N PRO A 410 -13.75 -6.40 6.81
CA PRO A 410 -15.05 -7.08 6.72
C PRO A 410 -16.26 -6.13 6.69
N VAL A 411 -16.28 -5.13 7.58
CA VAL A 411 -17.38 -4.16 7.61
C VAL A 411 -17.39 -3.30 6.34
N ALA A 412 -16.20 -2.82 5.93
CA ALA A 412 -16.08 -2.00 4.72
C ALA A 412 -16.67 -2.75 3.54
N GLN A 413 -16.27 -4.01 3.42
CA GLN A 413 -16.81 -4.88 2.41
C GLN A 413 -18.34 -5.01 2.45
N LEU A 414 -18.88 -5.35 3.63
CA LEU A 414 -20.32 -5.48 3.80
C LEU A 414 -21.05 -4.21 3.33
N ALA A 415 -20.61 -3.05 3.83
CA ALA A 415 -21.27 -1.78 3.53
C ALA A 415 -21.32 -1.50 2.02
N GLY A 416 -20.22 -1.81 1.33
CA GLY A 416 -20.13 -1.68 -0.12
C GLY A 416 -21.05 -2.63 -0.88
N ARG A 417 -21.09 -3.87 -0.45
CA ARG A 417 -21.92 -4.85 -1.15
C ARG A 417 -23.41 -4.56 -0.95
N LEU A 418 -23.77 -4.21 0.27
CA LEU A 418 -25.17 -3.90 0.58
C LEU A 418 -25.61 -2.65 -0.15
N ALA A 419 -24.77 -1.62 -0.16
CA ALA A 419 -25.12 -0.37 -0.82
C ALA A 419 -25.20 -0.51 -2.35
N ALA A 420 -24.35 -1.36 -2.93
CA ALA A 420 -24.33 -1.55 -4.37
C ALA A 420 -25.58 -2.30 -4.80
N GLN A 421 -26.20 -2.99 -3.85
CA GLN A 421 -27.33 -3.87 -4.15
C GLN A 421 -28.66 -3.46 -3.48
N GLY A 422 -28.81 -2.16 -3.24
CA GLY A 422 -30.10 -1.57 -2.86
C GLY A 422 -30.34 -1.10 -1.44
N ALA A 423 -29.50 -1.51 -0.51
CA ALA A 423 -29.69 -1.19 0.91
C ALA A 423 -29.48 0.29 1.20
N ARG A 424 -30.20 0.81 2.18
CA ARG A 424 -29.85 2.09 2.76
C ARG A 424 -28.92 1.80 3.93
N VAL A 425 -27.68 2.25 3.83
CA VAL A 425 -26.62 1.94 4.79
C VAL A 425 -26.09 3.22 5.42
N TYR A 426 -25.98 3.23 6.76
CA TYR A 426 -25.33 4.31 7.51
C TYR A 426 -24.10 3.76 8.23
N ALA A 427 -22.96 4.42 8.07
CA ALA A 427 -21.73 3.91 8.66
C ALA A 427 -21.12 4.90 9.64
N TYR A 428 -20.47 4.39 10.68
CA TYR A 428 -19.82 5.23 11.69
C TYR A 428 -18.45 4.66 12.10
N ILE A 429 -17.62 5.53 12.66
CA ILE A 429 -16.50 5.12 13.48
C ILE A 429 -16.63 5.80 14.84
N PHE A 430 -16.69 4.98 15.89
CA PHE A 430 -16.79 5.44 17.27
C PHE A 430 -15.38 5.64 17.83
N GLU A 431 -15.08 6.86 18.27
CA GLU A 431 -13.72 7.24 18.68
C GLU A 431 -13.58 7.81 20.09
N HIS A 432 -14.59 7.65 20.94
CA HIS A 432 -14.47 8.15 22.30
C HIS A 432 -14.06 7.05 23.30
N ARG A 433 -12.91 7.27 23.95
CA ARG A 433 -12.45 6.39 25.01
C ARG A 433 -13.13 6.77 26.32
N ALA A 434 -13.82 5.80 26.92
CA ALA A 434 -14.52 6.03 28.17
C ALA A 434 -13.54 6.50 29.22
N SER A 435 -13.96 7.48 30.02
CA SER A 435 -13.10 8.01 31.07
C SER A 435 -12.89 7.01 32.21
N THR A 436 -13.75 6.00 32.29
CA THR A 436 -13.69 5.01 33.37
C THR A 436 -13.06 3.69 32.93
N LEU A 437 -12.49 3.68 31.72
CA LEU A 437 -11.85 2.50 31.16
C LEU A 437 -10.66 2.03 32.03
N THR A 438 -10.58 0.74 32.29
CA THR A 438 -9.52 0.23 33.15
C THR A 438 -8.38 -0.38 32.35
N TRP A 439 -8.60 -0.65 31.06
CA TRP A 439 -7.50 -1.03 30.16
C TRP A 439 -6.51 0.13 30.00
N PRO A 440 -5.22 -0.17 29.69
CA PRO A 440 -4.22 0.89 29.57
C PRO A 440 -4.50 1.78 28.36
N LEU A 441 -3.88 2.96 28.34
CA LEU A 441 -4.10 3.95 27.31
C LEU A 441 -3.66 3.49 25.93
N TRP A 442 -2.66 2.62 25.86
CA TRP A 442 -2.15 2.19 24.55
C TRP A 442 -3.22 1.44 23.73
N MET A 443 -4.17 0.78 24.42
CA MET A 443 -5.25 0.09 23.74
C MET A 443 -6.27 1.01 23.08
N GLY A 444 -6.14 2.32 23.29
CA GLY A 444 -7.05 3.31 22.68
C GLY A 444 -8.51 3.07 23.00
N VAL A 445 -9.35 2.95 21.96
CA VAL A 445 -10.79 2.68 22.10
C VAL A 445 -11.07 1.22 21.69
N PRO A 446 -11.03 0.30 22.66
CA PRO A 446 -11.04 -1.11 22.35
C PRO A 446 -12.43 -1.66 21.97
N HIS A 447 -12.39 -2.77 21.27
CA HIS A 447 -13.54 -3.59 20.89
C HIS A 447 -14.45 -3.78 22.11
N GLY A 448 -15.73 -3.45 21.94
CA GLY A 448 -16.71 -3.62 22.99
C GLY A 448 -17.06 -2.36 23.79
N TYR A 449 -16.28 -1.28 23.62
CA TYR A 449 -16.38 -0.16 24.57
C TYR A 449 -17.24 1.02 24.12
N GLU A 450 -18.02 0.80 23.07
CA GLU A 450 -19.08 1.70 22.68
C GLU A 450 -20.42 1.26 23.28
N ILE A 451 -20.55 -0.02 23.61
CA ILE A 451 -21.84 -0.60 24.02
C ILE A 451 -22.46 0.16 25.21
N GLU A 452 -21.68 0.29 26.28
CA GLU A 452 -21.86 1.23 27.40
C GLU A 452 -22.62 2.53 27.09
N PHE A 453 -22.21 3.21 26.02
CA PHE A 453 -22.78 4.50 25.64
C PHE A 453 -24.10 4.36 24.88
N ILE A 454 -24.21 3.38 23.99
CA ILE A 454 -25.44 3.12 23.24
C ILE A 454 -26.58 2.75 24.19
N PHE A 455 -26.25 2.06 25.28
CA PHE A 455 -27.25 1.59 26.24
C PHE A 455 -27.56 2.64 27.32
N GLY A 456 -26.77 3.71 27.37
CA GLY A 456 -27.05 4.82 28.27
C GLY A 456 -26.57 4.71 29.71
N LEU A 457 -25.65 3.79 29.97
CA LEU A 457 -25.05 3.68 31.31
C LEU A 457 -24.52 5.01 31.92
N PRO A 458 -23.93 5.90 31.11
CA PRO A 458 -23.45 7.15 31.71
C PRO A 458 -24.54 8.04 32.32
N LEU A 459 -25.80 7.71 32.08
CA LEU A 459 -26.93 8.46 32.65
C LEU A 459 -27.15 8.10 34.10
N ASP A 460 -26.57 6.98 34.53
CA ASP A 460 -26.60 6.61 35.94
C ASP A 460 -25.52 7.39 36.66
N PRO A 461 -25.91 8.30 37.56
CA PRO A 461 -24.91 9.21 38.17
C PRO A 461 -23.91 8.44 39.06
N SER A 462 -24.33 7.29 39.55
CA SER A 462 -23.50 6.48 40.41
C SER A 462 -22.34 5.77 39.67
N LEU A 463 -22.26 5.93 38.35
CA LEU A 463 -21.21 5.27 37.58
C LEU A 463 -19.97 6.14 37.29
N ASN A 464 -20.02 7.41 37.67
CA ASN A 464 -18.80 8.26 37.65
C ASN A 464 -18.35 8.71 36.24
N TYR A 465 -19.21 8.62 35.22
CA TYR A 465 -18.92 9.24 33.93
C TYR A 465 -18.99 10.77 34.04
N THR A 466 -18.33 11.46 33.12
CA THR A 466 -18.40 12.92 33.05
C THR A 466 -19.75 13.36 32.55
N THR A 467 -20.06 14.62 32.81
CA THR A 467 -21.25 15.29 32.28
C THR A 467 -21.32 15.21 30.75
N GLU A 468 -20.17 15.43 30.08
CA GLU A 468 -20.08 15.41 28.62
C GLU A 468 -20.44 14.03 28.07
N GLU A 469 -19.94 12.99 28.75
CA GLU A 469 -20.26 11.60 28.47
C GLU A 469 -21.75 11.31 28.63
N ARG A 470 -22.38 11.94 29.62
CA ARG A 470 -23.83 11.81 29.79
C ARG A 470 -24.55 12.36 28.55
N ILE A 471 -24.19 13.57 28.12
CA ILE A 471 -24.79 14.19 26.94
C ILE A 471 -24.50 13.39 25.65
N PHE A 472 -23.26 12.91 25.54
CA PHE A 472 -22.85 12.11 24.42
C PHE A 472 -23.64 10.79 24.35
N ALA A 473 -23.88 10.16 25.48
CA ALA A 473 -24.67 8.92 25.52
C ALA A 473 -26.11 9.17 25.05
N GLN A 474 -26.66 10.32 25.45
CA GLN A 474 -28.01 10.71 25.02
C GLN A 474 -28.14 10.96 23.51
N ARG A 475 -27.10 11.55 22.91
CA ARG A 475 -27.06 11.68 21.45
C ARG A 475 -27.10 10.32 20.75
N LEU A 476 -26.28 9.38 21.23
CA LEU A 476 -26.18 8.06 20.60
C LEU A 476 -27.47 7.27 20.74
N MET A 477 -28.10 7.35 21.90
CA MET A 477 -29.36 6.62 22.13
C MET A 477 -30.40 7.17 21.17
N LYS A 478 -30.35 8.47 20.93
CA LYS A 478 -31.21 9.15 19.99
C LYS A 478 -30.98 8.68 18.54
N TYR A 479 -29.72 8.58 18.11
CA TYR A 479 -29.42 8.02 16.77
C TYR A 479 -29.95 6.58 16.59
N TRP A 480 -29.62 5.71 17.55
CA TRP A 480 -30.03 4.30 17.50
C TRP A 480 -31.54 4.14 17.44
N THR A 481 -32.26 4.83 18.32
CA THR A 481 -33.72 4.75 18.39
C THR A 481 -34.40 5.51 17.25
N ASN A 482 -33.78 6.56 16.72
CA ASN A 482 -34.36 7.19 15.52
C ASN A 482 -34.29 6.24 14.34
N PHE A 483 -33.18 5.50 14.25
CA PHE A 483 -32.98 4.50 13.21
C PHE A 483 -33.99 3.34 13.29
N ALA A 484 -34.17 2.82 14.52
CA ALA A 484 -35.15 1.76 14.77
C ALA A 484 -36.54 2.22 14.34
N ARG A 485 -36.82 3.50 14.59
CA ARG A 485 -38.15 4.06 14.44
C ARG A 485 -38.49 4.35 12.97
N THR A 486 -37.49 4.81 12.20
CA THR A 486 -37.73 5.38 10.86
C THR A 486 -36.82 4.84 9.74
N GLY A 487 -35.76 4.12 10.13
CA GLY A 487 -34.75 3.69 9.17
C GLY A 487 -33.74 4.79 8.88
N ASP A 488 -33.73 5.82 9.72
CA ASP A 488 -32.92 7.03 9.53
C ASP A 488 -32.48 7.55 10.91
N PRO A 489 -31.17 7.60 11.16
CA PRO A 489 -30.73 8.05 12.49
C PRO A 489 -30.90 9.55 12.75
N ASN A 490 -31.03 10.33 11.69
CA ASN A 490 -31.16 11.79 11.82
C ASN A 490 -32.43 12.23 12.53
N ASP A 491 -32.31 13.26 13.34
CA ASP A 491 -33.47 13.86 13.99
C ASP A 491 -34.29 14.63 12.94
N PRO A 492 -35.55 14.21 12.72
CA PRO A 492 -36.44 14.79 11.70
C PRO A 492 -36.64 16.30 11.87
N ARG A 493 -36.79 16.75 13.11
CA ARG A 493 -37.07 18.16 13.43
C ARG A 493 -35.85 19.07 13.32
N ASP A 494 -34.76 18.63 13.94
CA ASP A 494 -33.53 19.42 14.06
C ASP A 494 -32.60 19.34 12.84
N SER A 495 -32.38 20.48 12.20
CA SER A 495 -31.44 20.58 11.07
C SER A 495 -30.39 21.68 11.28
N LYS A 496 -29.29 21.61 10.51
CA LYS A 496 -28.07 22.47 10.63
C LYS A 496 -27.09 21.89 11.66
N SER A 497 -27.64 21.37 12.77
CA SER A 497 -26.96 20.38 13.58
C SER A 497 -26.72 19.18 12.64
N PRO A 498 -25.44 18.80 12.46
CA PRO A 498 -24.94 18.06 11.26
C PRO A 498 -25.73 16.80 10.90
N GLN A 499 -25.91 16.58 9.60
CA GLN A 499 -26.61 15.40 9.08
C GLN A 499 -25.68 14.18 8.90
N TRP A 500 -26.25 12.99 9.09
CA TRP A 500 -25.57 11.73 8.84
C TRP A 500 -26.02 11.27 7.45
N PRO A 501 -25.12 11.35 6.45
CA PRO A 501 -25.53 10.93 5.11
C PRO A 501 -25.37 9.42 4.98
N PRO A 502 -26.24 8.78 4.18
CA PRO A 502 -26.08 7.37 3.78
C PRO A 502 -24.71 7.05 3.17
N TYR A 503 -24.16 5.88 3.51
CA TYR A 503 -22.99 5.32 2.82
C TYR A 503 -23.33 4.91 1.40
N THR A 504 -22.48 5.27 0.45
CA THR A 504 -22.68 4.88 -0.96
C THR A 504 -21.37 4.38 -1.56
N THR A 505 -21.44 3.66 -2.68
CA THR A 505 -20.20 3.25 -3.32
C THR A 505 -19.48 4.46 -3.93
N ALA A 506 -20.24 5.42 -4.46
CA ALA A 506 -19.63 6.59 -5.11
C ALA A 506 -18.94 7.56 -4.14
N ALA A 507 -19.58 7.85 -3.01
CA ALA A 507 -19.04 8.82 -2.05
C ALA A 507 -18.41 8.20 -0.79
N GLN A 508 -18.81 6.99 -0.42
CA GLN A 508 -18.21 6.30 0.73
C GLN A 508 -18.24 7.12 2.04
N GLN A 509 -19.34 7.80 2.29
CA GLN A 509 -19.44 8.67 3.47
C GLN A 509 -19.81 7.91 4.73
N TYR A 510 -19.21 8.32 5.85
CA TYR A 510 -19.50 7.77 7.18
C TYR A 510 -19.19 8.86 8.20
N VAL A 511 -19.59 8.68 9.46
CA VAL A 511 -19.45 9.75 10.46
C VAL A 511 -18.56 9.38 11.65
N SER A 512 -17.98 10.38 12.29
CA SER A 512 -17.26 10.16 13.54
C SER A 512 -18.23 10.31 14.70
N LEU A 513 -18.18 9.33 15.62
CA LEU A 513 -18.91 9.41 16.89
C LEU A 513 -17.92 9.70 18.03
N ASN A 514 -17.97 10.92 18.55
CA ASN A 514 -17.15 11.37 19.68
C ASN A 514 -17.81 12.57 20.35
N LEU A 515 -17.10 13.25 21.25
CA LEU A 515 -17.70 14.33 22.05
C LEU A 515 -18.06 15.54 21.21
N LYS A 516 -17.44 15.63 20.03
CA LYS A 516 -17.64 16.75 19.11
C LYS A 516 -18.83 16.47 18.20
N PRO A 517 -19.43 17.51 17.61
CA PRO A 517 -20.57 17.28 16.71
C PRO A 517 -20.17 16.42 15.52
N LEU A 518 -21.11 15.63 14.98
CA LEU A 518 -20.85 14.74 13.83
C LEU A 518 -20.00 15.37 12.72
N GLU A 519 -18.92 14.69 12.38
CA GLU A 519 -18.08 15.07 11.25
C GLU A 519 -18.14 13.97 10.18
N VAL A 520 -18.35 14.38 8.93
CA VAL A 520 -18.48 13.46 7.80
C VAL A 520 -17.11 13.19 7.19
N ARG A 521 -16.71 11.92 7.19
CA ARG A 521 -15.45 11.46 6.56
C ARG A 521 -15.74 10.59 5.32
N ARG A 522 -14.77 10.49 4.42
CA ARG A 522 -14.95 9.68 3.20
C ARG A 522 -13.97 8.52 3.13
N GLY A 523 -14.50 7.33 2.86
CA GLY A 523 -13.69 6.14 2.63
C GLY A 523 -13.24 5.43 3.90
N LEU A 524 -13.78 4.25 4.12
CA LEU A 524 -13.51 3.53 5.34
C LEU A 524 -12.21 2.73 5.21
N ARG A 525 -11.09 3.36 5.59
CA ARG A 525 -9.79 2.71 5.46
C ARG A 525 -9.59 2.17 4.04
N ALA A 526 -9.90 3.01 3.04
CA ALA A 526 -10.03 2.58 1.64
C ALA A 526 -8.78 1.90 1.02
N GLN A 527 -7.60 2.49 1.13
CA GLN A 527 -6.39 1.85 0.55
C GLN A 527 -6.07 0.52 1.20
N THR A 528 -6.06 0.50 2.53
CA THR A 528 -5.70 -0.69 3.29
C THR A 528 -6.71 -1.82 3.11
N CYS A 529 -8.00 -1.48 3.07
CA CYS A 529 -9.00 -2.52 2.86
C CYS A 529 -9.01 -3.07 1.43
N ALA A 530 -8.49 -2.31 0.46
CA ALA A 530 -8.28 -2.85 -0.89
C ALA A 530 -7.23 -3.95 -0.84
N PHE A 531 -6.24 -3.79 0.05
CA PHE A 531 -5.28 -4.83 0.29
C PHE A 531 -5.94 -6.12 0.84
N TRP A 532 -6.75 -5.99 1.87
CA TRP A 532 -7.39 -7.17 2.50
C TRP A 532 -8.45 -7.84 1.63
N ASN A 533 -9.26 -7.03 0.97
CA ASN A 533 -10.47 -7.50 0.28
C ASN A 533 -10.30 -7.81 -1.20
N ARG A 534 -9.30 -7.21 -1.83
CA ARG A 534 -9.11 -7.42 -3.25
C ARG A 534 -7.83 -8.17 -3.52
N PHE A 535 -6.76 -7.83 -2.81
CA PHE A 535 -5.48 -8.37 -3.19
C PHE A 535 -5.17 -9.68 -2.50
N LEU A 536 -5.31 -9.70 -1.18
CA LEU A 536 -5.01 -10.91 -0.43
C LEU A 536 -5.75 -12.17 -0.94
N PRO A 537 -7.07 -12.08 -1.19
CA PRO A 537 -7.72 -13.24 -1.78
C PRO A 537 -7.03 -13.69 -3.06
N LYS A 538 -6.80 -12.77 -4.01
CA LYS A 538 -6.15 -13.12 -5.29
C LYS A 538 -4.79 -13.78 -5.15
N LEU A 539 -4.10 -13.48 -4.06
CA LEU A 539 -2.83 -14.12 -3.76
C LEU A 539 -3.10 -15.61 -3.47
N LEU A 540 -4.10 -15.87 -2.64
CA LEU A 540 -4.53 -17.23 -2.28
C LEU A 540 -4.97 -18.08 -3.51
N SER A 541 -5.97 -17.59 -4.23
CA SER A 541 -6.55 -18.29 -5.40
C SER A 541 -5.65 -18.26 -6.64
N ALA A 542 -4.33 -18.16 -6.43
CA ALA A 542 -3.34 -18.22 -7.51
C ALA A 542 -2.02 -18.84 -7.04
N THR A 543 -1.54 -18.43 -5.86
CA THR A 543 -0.24 -18.85 -5.27
C THR A 543 0.79 -19.44 -6.26
N GLU B 4 46.74 34.30 -34.78
CA GLU B 4 46.84 33.08 -33.92
C GLU B 4 46.82 33.44 -32.42
N ASP B 5 45.74 33.06 -31.75
CA ASP B 5 45.58 33.31 -30.30
C ASP B 5 46.26 32.19 -29.51
N PRO B 6 47.33 32.52 -28.77
CA PRO B 6 48.09 31.51 -28.03
C PRO B 6 47.26 30.79 -26.97
N GLN B 7 46.17 31.40 -26.52
CA GLN B 7 45.23 30.77 -25.61
C GLN B 7 44.50 29.60 -26.25
N LEU B 8 44.34 29.66 -27.56
CA LEU B 8 43.57 28.66 -28.30
C LEU B 8 44.44 27.58 -28.94
N LEU B 9 45.66 27.44 -28.45
CA LEU B 9 46.62 26.49 -29.00
C LEU B 9 47.13 25.58 -27.90
N VAL B 10 46.91 24.28 -28.04
CA VAL B 10 47.29 23.31 -27.02
C VAL B 10 48.01 22.12 -27.63
N ARG B 11 49.03 21.65 -26.94
CA ARG B 11 49.69 20.38 -27.27
C ARG B 11 49.22 19.26 -26.33
N VAL B 12 48.54 18.27 -26.92
CA VAL B 12 48.19 17.04 -26.20
C VAL B 12 49.16 15.95 -26.67
N ARG B 13 49.03 14.74 -26.12
CA ARG B 13 49.99 13.66 -26.41
C ARG B 13 50.09 13.26 -27.87
N GLY B 14 48.98 13.40 -28.61
CA GLY B 14 48.91 12.98 -29.98
C GLY B 14 49.17 14.09 -30.98
N GLY B 15 49.53 15.28 -30.49
CA GLY B 15 49.85 16.43 -31.34
C GLY B 15 49.17 17.74 -30.93
N GLN B 16 49.19 18.71 -31.84
CA GLN B 16 48.65 20.06 -31.55
C GLN B 16 47.19 20.27 -31.97
N LEU B 17 46.50 21.13 -31.23
CA LEU B 17 45.08 21.41 -31.47
C LEU B 17 44.86 22.91 -31.51
N ARG B 18 43.88 23.35 -32.31
CA ARG B 18 43.44 24.75 -32.26
C ARG B 18 41.98 24.82 -31.86
N GLY B 19 41.72 25.52 -30.75
CA GLY B 19 40.35 25.76 -30.33
C GLY B 19 39.76 27.06 -30.83
N ILE B 20 38.65 27.43 -30.23
CA ILE B 20 37.89 28.61 -30.66
C ILE B 20 37.37 29.38 -29.45
N ARG B 21 37.52 30.71 -29.52
CA ARG B 21 37.03 31.65 -28.49
C ARG B 21 35.52 31.77 -28.66
N LEU B 22 34.79 31.29 -27.67
CA LEU B 22 33.34 31.39 -27.70
C LEU B 22 32.88 32.45 -26.72
N LYS B 23 31.70 33.00 -26.98
CA LYS B 23 31.15 34.06 -26.13
C LYS B 23 30.11 33.48 -25.19
N ALA B 24 30.33 33.72 -23.90
CA ALA B 24 29.33 33.44 -22.87
C ALA B 24 28.82 34.79 -22.37
N PRO B 25 27.59 34.85 -21.83
CA PRO B 25 27.03 36.14 -21.40
C PRO B 25 28.00 36.97 -20.58
N GLY B 26 28.76 36.33 -19.70
CA GLY B 26 29.69 37.03 -18.83
C GLY B 26 31.08 37.29 -19.38
N GLY B 27 31.41 36.69 -20.53
CA GLY B 27 32.76 36.80 -21.10
C GLY B 27 33.20 35.60 -21.92
N PRO B 28 34.41 35.64 -22.49
CA PRO B 28 34.96 34.56 -23.31
C PRO B 28 35.23 33.23 -22.58
N VAL B 29 35.16 32.12 -23.33
CA VAL B 29 35.64 30.80 -22.88
C VAL B 29 36.40 30.19 -24.06
N SER B 30 37.35 29.30 -23.76
CA SER B 30 38.03 28.53 -24.79
C SER B 30 37.34 27.19 -24.97
N ALA B 31 37.04 26.86 -26.22
CA ALA B 31 36.43 25.58 -26.56
C ALA B 31 37.29 24.81 -27.55
N PHE B 32 37.38 23.50 -27.33
CA PHE B 32 38.13 22.60 -28.18
C PHE B 32 37.18 21.45 -28.47
N LEU B 33 36.57 21.53 -29.65
CA LEU B 33 35.50 20.64 -30.01
C LEU B 33 35.97 19.66 -31.09
N GLY B 34 35.50 18.41 -31.00
CA GLY B 34 35.80 17.42 -32.03
C GLY B 34 37.20 16.85 -31.94
N ILE B 35 37.70 16.63 -30.73
CA ILE B 35 39.06 16.05 -30.55
C ILE B 35 38.94 14.55 -30.62
N PRO B 36 39.69 13.90 -31.53
CA PRO B 36 39.63 12.44 -31.60
C PRO B 36 40.31 11.77 -30.43
N PHE B 37 39.64 10.84 -29.78
CA PHE B 37 40.25 10.06 -28.69
C PHE B 37 40.40 8.57 -29.02
N ALA B 38 39.88 8.15 -30.19
CA ALA B 38 40.03 6.78 -30.66
C ALA B 38 40.15 6.69 -32.19
N GLU B 39 40.71 5.59 -32.66
CA GLU B 39 40.64 5.23 -34.07
C GLU B 39 39.18 5.04 -34.46
N PRO B 40 38.76 5.62 -35.60
CA PRO B 40 37.37 5.39 -36.01
C PRO B 40 36.96 3.91 -35.99
N PRO B 41 35.87 3.58 -35.28
CA PRO B 41 35.42 2.20 -35.13
C PRO B 41 34.67 1.70 -36.36
N VAL B 42 35.30 1.81 -37.53
CA VAL B 42 34.66 1.48 -38.82
C VAL B 42 35.19 0.21 -39.48
N GLY B 43 34.44 -0.28 -40.47
CA GLY B 43 34.77 -1.53 -41.16
C GLY B 43 34.87 -2.72 -40.21
N SER B 44 36.07 -3.24 -40.06
CA SER B 44 36.32 -4.42 -39.21
C SER B 44 36.29 -4.07 -37.72
N ARG B 45 36.39 -2.78 -37.41
CA ARG B 45 36.38 -2.34 -36.02
C ARG B 45 34.96 -2.18 -35.47
N ARG B 46 33.94 -2.34 -36.31
CA ARG B 46 32.55 -2.34 -35.84
C ARG B 46 32.36 -3.43 -34.79
N PHE B 47 31.70 -3.06 -33.67
CA PHE B 47 31.43 -3.94 -32.53
C PHE B 47 32.68 -4.23 -31.68
N MET B 48 33.83 -3.73 -32.10
CA MET B 48 35.07 -4.02 -31.36
C MET B 48 35.39 -2.94 -30.31
N PRO B 49 36.08 -3.33 -29.21
CA PRO B 49 36.62 -2.34 -28.27
C PRO B 49 37.41 -1.26 -29.01
N PRO B 50 37.34 0.00 -28.53
CA PRO B 50 38.02 1.09 -29.24
C PRO B 50 39.53 1.02 -29.07
N GLU B 51 40.27 1.50 -30.07
CA GLU B 51 41.72 1.61 -29.98
C GLU B 51 42.11 3.09 -29.85
N PRO B 52 43.15 3.38 -29.06
CA PRO B 52 43.60 4.76 -28.92
C PRO B 52 44.02 5.41 -30.25
N LYS B 53 43.74 6.70 -30.35
CA LYS B 53 43.92 7.46 -31.58
C LYS B 53 45.39 7.64 -31.89
N ARG B 54 45.79 7.28 -33.10
CA ARG B 54 47.17 7.49 -33.55
C ARG B 54 47.50 8.99 -33.55
N PRO B 55 48.73 9.34 -33.14
CA PRO B 55 49.31 10.68 -33.30
C PRO B 55 49.03 11.29 -34.68
N TRP B 56 49.05 12.62 -34.78
CA TRP B 56 48.78 13.34 -36.04
C TRP B 56 49.76 14.48 -36.24
N SER B 57 49.93 14.92 -37.49
CA SER B 57 50.87 15.97 -37.83
C SER B 57 50.20 17.35 -37.85
N GLY B 58 51.01 18.39 -37.74
CA GLY B 58 50.52 19.76 -37.80
C GLY B 58 49.53 20.12 -36.71
N VAL B 59 48.60 21.00 -37.03
CA VAL B 59 47.63 21.49 -36.06
C VAL B 59 46.26 20.96 -36.42
N LEU B 60 45.68 20.14 -35.54
CA LEU B 60 44.32 19.63 -35.72
C LEU B 60 43.28 20.70 -35.41
N ASP B 61 42.35 20.90 -36.34
CA ASP B 61 41.32 21.93 -36.21
C ASP B 61 40.21 21.47 -35.27
N ALA B 62 40.16 22.05 -34.07
CA ALA B 62 39.18 21.63 -33.05
C ALA B 62 38.25 22.78 -32.68
N THR B 63 37.62 23.36 -33.70
CA THR B 63 36.79 24.54 -33.55
C THR B 63 35.31 24.24 -33.77
N THR B 64 35.00 22.98 -34.09
CA THR B 64 33.70 22.57 -34.60
C THR B 64 33.31 21.20 -33.98
N PHE B 65 32.01 21.02 -33.68
CA PHE B 65 31.54 19.72 -33.21
C PHE B 65 31.72 18.68 -34.30
N GLN B 66 32.00 17.44 -33.91
CA GLN B 66 32.14 16.34 -34.87
C GLN B 66 30.82 15.56 -35.09
N ASN B 67 30.86 14.58 -36.00
CA ASN B 67 29.68 13.76 -36.28
C ASN B 67 29.07 13.09 -35.04
N VAL B 68 27.76 12.84 -35.12
CA VAL B 68 27.00 12.15 -34.11
C VAL B 68 27.03 10.67 -34.43
N CYS B 69 27.24 9.84 -33.40
CA CYS B 69 27.25 8.39 -33.57
C CYS B 69 25.97 7.91 -34.23
N TYR B 70 26.11 6.94 -35.14
CA TYR B 70 24.99 6.48 -35.94
C TYR B 70 23.89 5.93 -35.05
N GLN B 71 22.69 6.48 -35.23
CA GLN B 71 21.57 6.18 -34.35
C GLN B 71 20.25 6.43 -35.01
N TYR B 72 19.24 5.80 -34.44
CA TYR B 72 17.84 6.07 -34.69
C TYR B 72 17.51 7.55 -34.51
N VAL B 73 16.69 8.08 -35.41
CA VAL B 73 16.25 9.47 -35.35
C VAL B 73 14.76 9.44 -35.07
N ASP B 74 14.33 10.18 -34.05
CA ASP B 74 12.93 10.20 -33.64
C ASP B 74 11.98 10.82 -34.66
N THR B 75 10.81 10.20 -34.84
CA THR B 75 9.84 10.64 -35.81
C THR B 75 8.41 10.67 -35.25
N LEU B 76 8.28 10.55 -33.94
CA LEU B 76 6.94 10.55 -33.33
C LEU B 76 6.20 11.87 -33.58
N TYR B 77 6.90 12.99 -33.43
CA TYR B 77 6.31 14.32 -33.65
C TYR B 77 7.22 15.19 -34.52
N PRO B 78 7.16 15.02 -35.86
CA PRO B 78 8.12 15.70 -36.74
C PRO B 78 8.03 17.22 -36.65
N GLY B 79 9.15 17.88 -36.36
CA GLY B 79 9.21 19.34 -36.27
C GLY B 79 8.90 19.96 -34.91
N PHE B 80 8.62 19.11 -33.93
CA PHE B 80 8.23 19.56 -32.60
C PHE B 80 9.48 19.71 -31.73
N GLU B 81 9.68 20.91 -31.20
CA GLU B 81 10.88 21.23 -30.41
C GLU B 81 11.14 20.27 -29.25
N GLY B 82 10.07 19.80 -28.59
CA GLY B 82 10.19 18.95 -27.41
C GLY B 82 10.83 17.60 -27.66
N THR B 83 10.75 17.13 -28.90
CA THR B 83 11.40 15.89 -29.28
C THR B 83 12.69 16.18 -30.07
N GLU B 84 12.64 17.21 -30.91
CA GLU B 84 13.75 17.49 -31.83
C GLU B 84 15.00 17.98 -31.12
N MET B 85 14.82 18.55 -29.93
CA MET B 85 15.94 19.06 -29.13
C MET B 85 16.89 17.95 -28.69
N TRP B 86 16.43 16.70 -28.80
CA TRP B 86 17.23 15.54 -28.45
C TRP B 86 17.74 14.79 -29.69
N ASN B 87 17.20 15.13 -30.87
CA ASN B 87 17.61 14.51 -32.13
C ASN B 87 19.03 14.95 -32.55
N PRO B 88 19.71 14.14 -33.40
CA PRO B 88 21.04 14.59 -33.83
C PRO B 88 21.02 16.00 -34.44
N ASN B 89 22.00 16.82 -34.03
CA ASN B 89 22.16 18.16 -34.60
C ASN B 89 23.41 18.27 -35.47
N ARG B 90 24.10 17.15 -35.68
CA ARG B 90 25.16 17.04 -36.70
C ARG B 90 24.93 15.78 -37.53
N GLU B 91 25.76 15.56 -38.55
CA GLU B 91 25.61 14.41 -39.45
C GLU B 91 25.85 13.08 -38.75
N LEU B 92 25.10 12.07 -39.13
CA LEU B 92 25.30 10.75 -38.59
C LEU B 92 26.51 10.10 -39.24
N SER B 93 27.30 9.39 -38.42
CA SER B 93 28.45 8.69 -38.92
C SER B 93 28.91 7.68 -37.89
N GLU B 94 29.39 6.53 -38.36
CA GLU B 94 30.02 5.56 -37.46
C GLU B 94 31.36 6.06 -37.00
N ASP B 95 31.97 6.95 -37.79
CA ASP B 95 33.20 7.62 -37.40
C ASP B 95 32.84 8.76 -36.45
N CYS B 96 32.73 8.47 -35.15
CA CYS B 96 32.18 9.43 -34.19
C CYS B 96 32.90 9.56 -32.85
N LEU B 97 34.05 8.90 -32.69
CA LEU B 97 34.70 8.89 -31.39
C LEU B 97 35.55 10.15 -31.13
N TYR B 98 34.84 11.21 -30.76
CA TYR B 98 35.45 12.53 -30.50
C TYR B 98 34.93 13.07 -29.19
N LEU B 99 35.68 14.01 -28.59
CA LEU B 99 35.28 14.65 -27.35
C LEU B 99 35.47 16.17 -27.40
N ASN B 100 34.87 16.85 -26.43
CA ASN B 100 34.84 18.31 -26.36
C ASN B 100 35.29 18.81 -24.98
N VAL B 101 36.11 19.86 -24.96
CA VAL B 101 36.59 20.48 -23.74
C VAL B 101 36.28 21.99 -23.75
N TRP B 102 35.59 22.48 -22.72
CA TRP B 102 35.47 23.92 -22.47
C TRP B 102 36.32 24.26 -21.23
N THR B 103 37.06 25.37 -21.31
CA THR B 103 37.81 25.90 -20.15
C THR B 103 37.63 27.42 -20.11
N PRO B 104 37.88 28.05 -18.94
CA PRO B 104 37.90 29.52 -18.88
C PRO B 104 38.93 30.14 -19.81
N TYR B 105 38.64 31.36 -20.26
CA TYR B 105 39.55 32.20 -21.04
C TYR B 105 39.88 33.42 -20.19
N PRO B 106 41.16 33.64 -19.87
CA PRO B 106 42.34 32.83 -20.19
C PRO B 106 42.33 31.51 -19.43
N ARG B 107 43.18 30.59 -19.87
CA ARG B 107 43.35 29.26 -19.27
C ARG B 107 43.61 29.39 -17.77
N PRO B 108 42.92 28.57 -16.95
CA PRO B 108 43.13 28.65 -15.49
C PRO B 108 44.59 28.63 -15.08
N ALA B 109 44.95 29.52 -14.14
CA ALA B 109 46.34 29.64 -13.68
C ALA B 109 46.81 28.43 -12.85
N SER B 110 45.90 27.78 -12.14
CA SER B 110 46.21 26.58 -11.36
C SER B 110 45.22 25.47 -11.69
N PRO B 111 45.64 24.19 -11.53
CA PRO B 111 44.78 23.00 -11.78
C PRO B 111 43.35 23.13 -11.25
N THR B 112 42.37 22.99 -12.15
CA THR B 112 40.96 23.24 -11.86
C THR B 112 40.18 21.93 -11.85
N PRO B 113 39.22 21.77 -10.93
CA PRO B 113 38.38 20.56 -10.98
C PRO B 113 37.68 20.36 -12.33
N VAL B 114 37.57 19.10 -12.74
CA VAL B 114 37.05 18.73 -14.05
C VAL B 114 35.73 17.99 -13.92
N LEU B 115 34.72 18.44 -14.66
CA LEU B 115 33.46 17.70 -14.76
C LEU B 115 33.38 17.01 -16.12
N ILE B 116 33.03 15.73 -16.11
CA ILE B 116 32.86 15.00 -17.35
C ILE B 116 31.42 14.59 -17.54
N TRP B 117 30.78 15.15 -18.57
CA TRP B 117 29.41 14.80 -18.90
C TRP B 117 29.27 13.55 -19.79
N ILE B 118 28.35 12.67 -19.43
CA ILE B 118 27.98 11.51 -20.25
C ILE B 118 26.47 11.57 -20.57
N TYR B 119 26.12 11.81 -21.82
CA TYR B 119 24.70 11.97 -22.20
C TYR B 119 23.87 10.70 -22.01
N GLY B 120 22.56 10.88 -21.96
CA GLY B 120 21.58 9.77 -22.00
C GLY B 120 20.95 9.61 -23.38
N GLY B 121 19.88 8.83 -23.46
CA GLY B 121 19.32 8.40 -24.74
C GLY B 121 19.03 6.92 -24.87
N GLY B 122 18.82 6.25 -23.73
CA GLY B 122 18.48 4.83 -23.67
C GLY B 122 19.53 3.87 -24.18
N PHE B 123 20.77 4.34 -24.31
CA PHE B 123 21.85 3.61 -24.98
C PHE B 123 21.63 3.42 -26.46
N TYR B 124 20.58 4.02 -27.02
CA TYR B 124 20.33 3.94 -28.47
C TYR B 124 20.52 5.29 -29.19
N SER B 125 20.77 6.35 -28.45
CA SER B 125 20.83 7.70 -29.04
C SER B 125 21.52 8.69 -28.11
N GLY B 126 21.68 9.91 -28.60
CA GLY B 126 22.32 11.01 -27.86
C GLY B 126 23.54 11.53 -28.60
N ALA B 127 24.03 12.70 -28.17
CA ALA B 127 25.24 13.31 -28.74
C ALA B 127 25.73 14.35 -27.76
N ALA B 128 27.04 14.61 -27.75
CA ALA B 128 27.58 15.59 -26.81
C ALA B 128 27.41 16.99 -27.34
N SER B 129 26.87 17.11 -28.57
CA SER B 129 26.78 18.38 -29.26
C SER B 129 25.43 19.10 -29.13
N LEU B 130 24.49 18.51 -28.39
CA LEU B 130 23.16 19.10 -28.23
C LEU B 130 23.27 20.45 -27.49
N ASP B 131 22.38 21.39 -27.82
CA ASP B 131 22.36 22.69 -27.16
C ASP B 131 22.28 22.62 -25.63
N VAL B 132 21.56 21.62 -25.09
CA VAL B 132 21.39 21.55 -23.63
C VAL B 132 22.64 21.06 -22.88
N TYR B 133 23.63 20.56 -23.62
CA TYR B 133 24.88 20.12 -23.00
C TYR B 133 26.04 21.11 -23.17
N ASP B 134 25.73 22.34 -23.58
CA ASP B 134 26.72 23.39 -23.81
C ASP B 134 27.49 23.75 -22.51
N GLY B 135 28.83 23.54 -22.51
CA GLY B 135 29.71 23.71 -21.32
C GLY B 135 30.17 25.15 -21.05
N ARG B 136 29.80 26.02 -21.98
CA ARG B 136 30.10 27.44 -21.99
C ARG B 136 29.86 28.08 -20.61
N PHE B 137 28.66 27.90 -20.09
CA PHE B 137 28.21 28.61 -18.90
C PHE B 137 28.96 28.18 -17.64
N LEU B 138 29.03 26.86 -17.43
CA LEU B 138 29.76 26.28 -16.29
C LEU B 138 31.23 26.68 -16.32
N ALA B 139 31.81 26.73 -17.51
CA ALA B 139 33.19 27.18 -17.65
C ALA B 139 33.39 28.66 -17.28
N GLN B 140 32.54 29.53 -17.82
CA GLN B 140 32.69 30.96 -17.62
C GLN B 140 32.36 31.41 -16.19
N VAL B 141 31.22 30.96 -15.68
CA VAL B 141 30.74 31.44 -14.40
C VAL B 141 31.46 30.76 -13.24
N GLU B 142 31.58 29.43 -13.30
CA GLU B 142 32.16 28.66 -12.21
C GLU B 142 33.67 28.40 -12.35
N GLY B 143 34.25 28.81 -13.47
CA GLY B 143 35.65 28.51 -13.76
C GLY B 143 35.95 27.02 -13.99
N ALA B 144 34.93 26.24 -14.34
CA ALA B 144 35.08 24.78 -14.49
C ALA B 144 35.73 24.39 -15.82
N VAL B 145 36.51 23.33 -15.81
CA VAL B 145 36.90 22.63 -17.02
C VAL B 145 35.87 21.53 -17.22
N LEU B 146 35.14 21.62 -18.32
CA LEU B 146 34.07 20.69 -18.62
C LEU B 146 34.42 19.87 -19.86
N VAL B 147 34.22 18.55 -19.77
CA VAL B 147 34.52 17.63 -20.88
C VAL B 147 33.26 16.83 -21.22
N SER B 148 33.05 16.53 -22.50
CA SER B 148 31.98 15.62 -22.92
C SER B 148 32.44 14.81 -24.15
N MET B 149 32.07 13.51 -24.20
CA MET B 149 32.46 12.62 -25.32
C MET B 149 31.28 12.08 -26.11
N ASN B 150 31.52 11.70 -27.35
CA ASN B 150 30.58 10.84 -28.04
C ASN B 150 30.95 9.41 -27.67
N TYR B 151 29.95 8.56 -27.55
CA TYR B 151 30.16 7.14 -27.41
C TYR B 151 29.16 6.37 -28.29
N ARG B 152 29.53 5.17 -28.73
CA ARG B 152 28.71 4.39 -29.65
C ARG B 152 27.40 3.90 -29.01
N VAL B 153 26.30 4.03 -29.73
CA VAL B 153 24.98 3.65 -29.21
C VAL B 153 24.34 2.53 -30.06
N GLY B 154 23.20 2.02 -29.62
CA GLY B 154 22.46 0.98 -30.36
C GLY B 154 23.32 -0.25 -30.66
N THR B 155 23.12 -0.88 -31.80
CA THR B 155 23.88 -2.08 -32.14
C THR B 155 25.40 -1.82 -32.13
N PHE B 156 25.80 -0.69 -32.70
CA PHE B 156 27.20 -0.30 -32.79
C PHE B 156 27.93 -0.29 -31.46
N GLY B 157 27.26 0.18 -30.41
CA GLY B 157 27.86 0.27 -29.08
C GLY B 157 27.57 -0.91 -28.17
N PHE B 158 26.46 -1.61 -28.40
CA PHE B 158 26.03 -2.62 -27.43
C PHE B 158 25.60 -3.99 -27.95
N LEU B 159 25.61 -4.19 -29.26
CA LEU B 159 25.40 -5.54 -29.79
C LEU B 159 26.51 -6.47 -29.29
N ALA B 160 26.09 -7.52 -28.60
CA ALA B 160 27.02 -8.43 -27.95
C ALA B 160 26.71 -9.86 -28.35
N LEU B 161 27.78 -10.60 -28.60
CA LEU B 161 27.71 -12.05 -28.62
C LEU B 161 28.67 -12.53 -27.55
N PRO B 162 28.18 -12.63 -26.30
CA PRO B 162 29.00 -12.82 -25.10
C PRO B 162 29.94 -14.01 -25.21
N GLY B 163 31.21 -13.79 -24.88
CA GLY B 163 32.22 -14.83 -25.00
C GLY B 163 32.91 -14.83 -26.35
N SER B 164 32.36 -14.10 -27.32
CA SER B 164 33.03 -13.94 -28.62
C SER B 164 34.14 -12.89 -28.53
N ARG B 165 35.12 -13.00 -29.42
CA ARG B 165 36.23 -12.04 -29.46
C ARG B 165 35.90 -10.85 -30.35
N GLU B 166 34.98 -11.05 -31.29
CA GLU B 166 34.65 -10.01 -32.28
C GLU B 166 33.54 -9.05 -31.87
N ALA B 167 32.65 -9.49 -30.97
CA ALA B 167 31.54 -8.68 -30.45
C ALA B 167 31.28 -8.97 -28.98
N PRO B 168 32.20 -8.56 -28.09
CA PRO B 168 32.18 -9.00 -26.69
C PRO B 168 31.20 -8.25 -25.79
N GLY B 169 30.54 -7.24 -26.33
CA GLY B 169 29.62 -6.43 -25.54
C GLY B 169 30.29 -5.25 -24.86
N ASN B 170 29.46 -4.27 -24.49
CA ASN B 170 29.84 -3.10 -23.72
C ASN B 170 30.85 -2.11 -24.37
N VAL B 171 31.04 -2.17 -25.68
CA VAL B 171 32.09 -1.34 -26.29
C VAL B 171 31.85 0.17 -26.15
N GLY B 172 30.58 0.58 -26.13
CA GLY B 172 30.22 1.97 -25.87
C GLY B 172 30.61 2.44 -24.47
N LEU B 173 30.63 1.53 -23.50
CA LEU B 173 31.10 1.87 -22.17
C LEU B 173 32.62 1.96 -22.20
N LEU B 174 33.26 1.10 -23.01
CA LEU B 174 34.70 1.18 -23.20
C LEU B 174 35.11 2.47 -23.91
N ASP B 175 34.27 2.97 -24.81
CA ASP B 175 34.47 4.26 -25.46
C ASP B 175 34.55 5.32 -24.36
N GLN B 176 33.55 5.34 -23.48
CA GLN B 176 33.52 6.26 -22.34
C GLN B 176 34.80 6.11 -21.54
N ARG B 177 35.17 4.88 -21.19
CA ARG B 177 36.40 4.65 -20.44
C ARG B 177 37.64 5.22 -21.14
N LEU B 178 37.73 5.08 -22.46
CA LEU B 178 38.87 5.63 -23.19
C LEU B 178 38.91 7.17 -23.08
N ALA B 179 37.76 7.82 -23.23
CA ALA B 179 37.68 9.27 -23.07
C ALA B 179 38.15 9.67 -21.67
N LEU B 180 37.79 8.86 -20.67
CA LEU B 180 38.22 9.08 -19.30
C LEU B 180 39.73 8.98 -19.15
N GLN B 181 40.34 7.99 -19.82
CA GLN B 181 41.79 7.80 -19.83
C GLN B 181 42.49 8.98 -20.49
N TRP B 182 41.86 9.52 -21.53
CA TRP B 182 42.38 10.67 -22.27
C TRP B 182 42.46 11.89 -21.38
N VAL B 183 41.44 12.06 -20.55
CA VAL B 183 41.39 13.15 -19.57
C VAL B 183 42.58 13.04 -18.57
N GLN B 184 42.85 11.84 -18.08
CA GLN B 184 43.99 11.63 -17.18
C GLN B 184 45.31 12.00 -17.85
N GLU B 185 45.45 11.67 -19.13
CA GLU B 185 46.70 11.91 -19.86
C GLU B 185 46.85 13.33 -20.37
N ASN B 186 45.73 14.01 -20.63
CA ASN B 186 45.77 15.25 -21.42
C ASN B 186 45.18 16.52 -20.80
N ILE B 187 44.25 16.37 -19.86
CA ILE B 187 43.51 17.53 -19.33
C ILE B 187 44.36 18.61 -18.65
N ALA B 188 45.47 18.21 -18.01
CA ALA B 188 46.42 19.18 -17.42
C ALA B 188 46.91 20.23 -18.42
N ALA B 189 47.05 19.85 -19.69
CA ALA B 189 47.48 20.80 -20.72
C ALA B 189 46.43 21.91 -20.94
N PHE B 190 45.19 21.65 -20.52
CA PHE B 190 44.09 22.61 -20.62
C PHE B 190 43.87 23.36 -19.30
N GLY B 191 44.62 23.00 -18.26
CA GLY B 191 44.43 23.58 -16.93
C GLY B 191 43.59 22.74 -15.99
N GLY B 192 43.08 21.60 -16.48
CA GLY B 192 42.31 20.66 -15.66
C GLY B 192 43.17 19.93 -14.63
N ASP B 193 42.55 19.57 -13.51
CA ASP B 193 43.18 18.77 -12.47
C ASP B 193 42.78 17.30 -12.67
N PRO B 194 43.72 16.46 -13.15
CA PRO B 194 43.33 15.06 -13.36
C PRO B 194 43.07 14.34 -12.01
N MET B 195 43.53 14.94 -10.90
CA MET B 195 43.28 14.39 -9.58
C MET B 195 41.94 14.78 -8.98
N SER B 196 41.16 15.57 -9.70
CA SER B 196 39.82 15.95 -9.28
C SER B 196 38.85 15.87 -10.46
N VAL B 197 38.35 14.66 -10.71
CA VAL B 197 37.50 14.42 -11.87
C VAL B 197 36.16 13.93 -11.37
N THR B 198 35.11 14.68 -11.67
CA THR B 198 33.75 14.29 -11.31
C THR B 198 32.97 13.88 -12.55
N LEU B 199 32.49 12.65 -12.56
CA LEU B 199 31.57 12.21 -13.61
C LEU B 199 30.17 12.71 -13.31
N PHE B 200 29.46 13.20 -14.31
CA PHE B 200 28.00 13.36 -14.21
C PHE B 200 27.31 12.96 -15.50
N GLY B 201 26.05 12.57 -15.40
CA GLY B 201 25.28 12.10 -16.56
C GLY B 201 23.82 11.96 -16.21
N GLU B 202 22.98 11.91 -17.23
CA GLU B 202 21.54 11.77 -17.01
C GLU B 202 20.93 10.57 -17.74
N ALA B 203 20.02 9.88 -17.05
CA ALA B 203 19.29 8.74 -17.60
C ALA B 203 20.29 7.60 -17.94
N ALA B 204 20.40 7.20 -19.21
CA ALA B 204 21.43 6.20 -19.59
C ALA B 204 22.85 6.67 -19.23
N GLY B 205 23.05 7.97 -19.27
CA GLY B 205 24.33 8.57 -18.87
C GLY B 205 24.60 8.35 -17.39
N ALA B 206 23.56 8.45 -16.58
CA ALA B 206 23.70 8.19 -15.16
C ALA B 206 23.95 6.69 -14.90
N ALA B 207 23.22 5.83 -15.61
CA ALA B 207 23.47 4.39 -15.52
C ALA B 207 24.93 4.07 -15.88
N SER B 208 25.43 4.76 -16.93
CA SER B 208 26.85 4.65 -17.36
C SER B 208 27.79 5.08 -16.25
N VAL B 209 27.57 6.28 -15.69
CA VAL B 209 28.34 6.70 -14.52
C VAL B 209 28.33 5.59 -13.43
N GLY B 210 27.15 5.07 -13.12
CA GLY B 210 27.04 3.96 -12.14
C GLY B 210 27.82 2.71 -12.53
N MET B 211 27.84 2.37 -13.82
CA MET B 211 28.64 1.24 -14.28
C MET B 211 30.13 1.48 -14.12
N HIS B 212 30.57 2.72 -14.28
CA HIS B 212 31.97 3.02 -14.03
C HIS B 212 32.29 2.91 -12.55
N ILE B 213 31.32 3.23 -11.69
CA ILE B 213 31.50 3.04 -10.25
C ILE B 213 31.67 1.55 -9.94
N LEU B 214 30.97 0.71 -10.70
CA LEU B 214 30.92 -0.74 -10.40
C LEU B 214 31.95 -1.56 -11.16
N SER B 215 32.85 -0.89 -11.90
CA SER B 215 33.84 -1.58 -12.70
C SER B 215 35.25 -1.10 -12.35
N LEU B 216 36.10 -2.03 -11.92
CA LEU B 216 37.37 -1.69 -11.30
C LEU B 216 38.34 -0.87 -12.15
N PRO B 217 38.61 -1.28 -13.40
CA PRO B 217 39.50 -0.46 -14.25
C PRO B 217 39.04 1.02 -14.41
N SER B 218 37.75 1.29 -14.28
CA SER B 218 37.24 2.66 -14.40
C SER B 218 37.54 3.52 -13.17
N ARG B 219 37.69 2.86 -12.03
CA ARG B 219 37.74 3.54 -10.73
C ARG B 219 38.96 4.45 -10.51
N SER B 220 40.08 4.16 -11.15
CA SER B 220 41.22 5.05 -11.00
C SER B 220 41.15 6.24 -11.96
N LEU B 221 39.99 6.45 -12.58
CA LEU B 221 39.85 7.48 -13.59
C LEU B 221 38.94 8.63 -13.17
N PHE B 222 38.33 8.54 -11.98
CA PHE B 222 37.51 9.62 -11.42
C PHE B 222 37.44 9.54 -9.90
N HIS B 223 36.90 10.58 -9.26
CA HIS B 223 36.92 10.67 -7.80
C HIS B 223 35.54 10.83 -7.19
N ARG B 224 34.60 11.34 -7.98
CA ARG B 224 33.25 11.64 -7.53
C ARG B 224 32.28 11.40 -8.71
N ALA B 225 30.99 11.27 -8.39
CA ALA B 225 29.98 10.87 -9.35
C ALA B 225 28.63 11.52 -9.08
N VAL B 226 27.96 11.90 -10.16
CA VAL B 226 26.61 12.45 -10.11
C VAL B 226 25.76 11.65 -11.07
N LEU B 227 24.68 11.09 -10.54
CA LEU B 227 23.75 10.26 -11.30
C LEU B 227 22.38 10.91 -11.27
N GLN B 228 22.02 11.55 -12.39
CA GLN B 228 20.73 12.23 -12.57
C GLN B 228 19.74 11.33 -13.28
N SER B 229 18.66 10.96 -12.60
CA SER B 229 17.55 10.24 -13.22
C SER B 229 17.91 8.90 -13.89
N GLY B 230 18.78 8.11 -13.27
CA GLY B 230 19.24 6.86 -13.86
C GLY B 230 20.22 6.14 -12.95
N THR B 231 20.29 4.82 -13.11
CA THR B 231 21.02 3.94 -12.19
C THR B 231 21.50 2.72 -12.94
N PRO B 232 22.60 2.10 -12.50
CA PRO B 232 23.02 0.87 -13.19
C PRO B 232 22.12 -0.30 -12.83
N ASN B 233 21.56 -0.30 -11.63
CA ASN B 233 20.57 -1.29 -11.23
C ASN B 233 19.22 -0.93 -11.83
N GLY B 234 18.23 -1.82 -11.69
CA GLY B 234 16.91 -1.59 -12.27
C GLY B 234 16.63 -2.38 -13.54
N PRO B 235 15.42 -2.20 -14.10
CA PRO B 235 14.86 -3.07 -15.14
C PRO B 235 15.34 -2.86 -16.59
N TRP B 236 15.98 -1.72 -16.88
CA TRP B 236 16.27 -1.34 -18.27
C TRP B 236 17.75 -1.14 -18.61
N ALA B 237 18.57 -0.91 -17.59
CA ALA B 237 19.97 -0.50 -17.83
C ALA B 237 20.87 -1.65 -18.27
N THR B 238 20.51 -2.88 -17.90
CA THR B 238 21.30 -4.04 -18.34
C THR B 238 20.44 -5.21 -18.85
N VAL B 239 21.10 -6.17 -19.50
CA VAL B 239 20.52 -7.46 -19.83
C VAL B 239 21.53 -8.55 -19.49
N SER B 240 21.06 -9.77 -19.33
CA SER B 240 21.95 -10.92 -19.12
C SER B 240 22.64 -11.29 -20.44
N ALA B 241 23.67 -12.12 -20.33
CA ALA B 241 24.41 -12.63 -21.49
C ALA B 241 23.47 -13.40 -22.41
N GLY B 242 22.70 -14.33 -21.83
CA GLY B 242 21.68 -15.09 -22.54
C GLY B 242 20.73 -14.22 -23.36
N GLU B 243 20.18 -13.16 -22.74
CA GLU B 243 19.25 -12.27 -23.46
C GLU B 243 19.90 -11.36 -24.52
N ALA B 244 21.19 -11.05 -24.39
CA ALA B 244 21.88 -10.25 -25.43
C ALA B 244 22.16 -11.12 -26.65
N ARG B 245 22.61 -12.34 -26.40
CA ARG B 245 22.87 -13.33 -27.44
C ARG B 245 21.63 -13.51 -28.31
N ARG B 246 20.48 -13.60 -27.66
CA ARG B 246 19.20 -13.83 -28.35
C ARG B 246 18.84 -12.64 -29.24
N ARG B 247 19.00 -11.42 -28.70
CA ARG B 247 18.64 -10.23 -29.45
C ARG B 247 19.56 -10.01 -30.66
N ALA B 248 20.86 -10.23 -30.45
CA ALA B 248 21.84 -10.12 -31.52
C ALA B 248 21.58 -11.18 -32.59
N THR B 249 21.34 -12.42 -32.16
CA THR B 249 20.99 -13.53 -33.05
C THR B 249 19.72 -13.24 -33.86
N LEU B 250 18.77 -12.55 -33.25
CA LEU B 250 17.51 -12.21 -33.92
C LEU B 250 17.67 -11.09 -34.94
N LEU B 251 18.41 -10.06 -34.56
CA LEU B 251 18.67 -8.97 -35.49
C LEU B 251 19.42 -9.49 -36.72
N ALA B 252 20.41 -10.37 -36.48
CA ALA B 252 21.21 -10.96 -37.54
C ALA B 252 20.30 -11.70 -38.51
N ARG B 253 19.40 -12.51 -37.96
CA ARG B 253 18.41 -13.21 -38.76
C ARG B 253 17.56 -12.24 -39.58
N LEU B 254 17.16 -11.11 -38.98
CA LEU B 254 16.33 -10.12 -39.67
C LEU B 254 17.03 -9.38 -40.82
N VAL B 255 18.36 -9.27 -40.76
CA VAL B 255 19.09 -8.65 -41.86
C VAL B 255 19.78 -9.66 -42.79
N GLY B 256 19.37 -10.92 -42.68
CA GLY B 256 19.85 -11.99 -43.54
C GLY B 256 21.22 -12.57 -43.22
N CYS B 257 21.63 -12.52 -41.96
CA CYS B 257 22.89 -13.13 -41.51
C CYS B 257 22.59 -14.30 -40.57
N PRO B 258 23.18 -15.47 -40.80
CA PRO B 258 24.14 -15.79 -41.86
C PRO B 258 23.46 -16.21 -43.18
N GLY B 264 24.80 -19.63 -37.07
CA GLY B 264 25.51 -20.65 -36.29
C GLY B 264 27.04 -20.54 -36.48
N ASN B 265 27.74 -20.17 -35.39
CA ASN B 265 29.19 -19.84 -35.37
C ASN B 265 29.38 -18.31 -35.33
N ASP B 266 29.81 -17.79 -34.19
CA ASP B 266 29.89 -16.34 -33.93
C ASP B 266 30.65 -15.55 -35.02
N THR B 267 31.87 -15.98 -35.30
CA THR B 267 32.75 -15.34 -36.29
C THR B 267 32.03 -15.00 -37.60
N GLU B 268 31.33 -16.00 -38.13
CA GLU B 268 30.61 -15.91 -39.40
C GLU B 268 29.46 -14.91 -39.31
N LEU B 269 28.66 -15.04 -38.26
CA LEU B 269 27.53 -14.15 -38.00
C LEU B 269 28.01 -12.69 -37.85
N ILE B 270 29.08 -12.48 -37.10
CA ILE B 270 29.59 -11.14 -36.88
C ILE B 270 30.23 -10.55 -38.14
N ALA B 271 30.90 -11.41 -38.93
CA ALA B 271 31.45 -10.95 -40.20
C ALA B 271 30.35 -10.48 -41.15
N CYS B 272 29.25 -11.21 -41.19
CA CYS B 272 28.15 -10.83 -42.08
C CYS B 272 27.48 -9.52 -41.65
N LEU B 273 27.28 -9.38 -40.34
CA LEU B 273 26.76 -8.14 -39.78
C LEU B 273 27.66 -6.94 -40.09
N ARG B 274 28.96 -7.18 -40.23
CA ARG B 274 29.91 -6.10 -40.55
C ARG B 274 29.82 -5.64 -42.00
N THR B 275 29.25 -6.46 -42.88
CA THR B 275 29.09 -6.06 -44.28
C THR B 275 27.84 -5.19 -44.48
N ARG B 276 27.03 -5.06 -43.45
CA ARG B 276 25.74 -4.37 -43.59
C ARG B 276 25.83 -2.86 -43.38
N PRO B 277 25.31 -2.07 -44.34
CA PRO B 277 25.18 -0.63 -44.15
C PRO B 277 24.54 -0.29 -42.79
N ALA B 278 25.02 0.79 -42.18
CA ALA B 278 24.56 1.21 -40.87
C ALA B 278 23.04 1.26 -40.73
N GLN B 279 22.34 1.86 -41.70
CA GLN B 279 20.89 2.06 -41.58
C GLN B 279 20.08 0.77 -41.66
N ASP B 280 20.62 -0.27 -42.31
CA ASP B 280 19.99 -1.61 -42.30
C ASP B 280 19.90 -2.16 -40.87
N LEU B 281 20.93 -1.89 -40.07
CA LEU B 281 20.99 -2.36 -38.68
C LEU B 281 19.97 -1.63 -37.82
N VAL B 282 19.92 -0.30 -37.93
CA VAL B 282 18.97 0.53 -37.20
C VAL B 282 17.52 0.22 -37.60
N ASP B 283 17.28 0.00 -38.90
CA ASP B 283 15.98 -0.39 -39.45
C ASP B 283 15.25 -1.48 -38.65
N HIS B 284 16.03 -2.38 -38.04
CA HIS B 284 15.49 -3.54 -37.34
C HIS B 284 15.79 -3.56 -35.84
N GLU B 285 16.49 -2.54 -35.36
CA GLU B 285 16.79 -2.34 -33.94
C GLU B 285 15.60 -2.53 -33.02
N TRP B 286 14.41 -2.12 -33.47
CA TRP B 286 13.22 -2.15 -32.63
C TRP B 286 12.31 -3.32 -32.92
N HIS B 287 12.89 -4.40 -33.43
CA HIS B 287 12.09 -5.60 -33.66
C HIS B 287 12.61 -6.78 -32.84
N VAL B 288 13.43 -6.49 -31.83
CA VAL B 288 14.06 -7.57 -31.04
C VAL B 288 13.63 -7.65 -29.56
N LEU B 289 12.85 -6.69 -29.08
CA LEU B 289 12.39 -6.71 -27.69
C LEU B 289 11.39 -7.86 -27.45
N PRO B 290 11.44 -8.51 -26.26
CA PRO B 290 10.61 -9.69 -26.01
C PRO B 290 9.13 -9.37 -25.76
N GLN B 291 8.83 -8.11 -25.48
CA GLN B 291 7.51 -7.67 -25.04
C GLN B 291 7.18 -6.33 -25.70
N GLU B 292 5.89 -6.06 -25.88
CA GLU B 292 5.44 -4.71 -26.17
C GLU B 292 5.68 -3.86 -24.93
N SER B 293 6.48 -2.81 -25.06
CA SER B 293 6.96 -2.10 -23.90
C SER B 293 7.23 -0.63 -24.14
N ILE B 294 7.41 0.11 -23.04
CA ILE B 294 8.01 1.44 -23.04
C ILE B 294 9.10 1.44 -21.99
N PHE B 295 10.06 2.37 -22.09
CA PHE B 295 11.21 2.43 -21.20
C PHE B 295 11.98 1.13 -21.24
N ARG B 296 12.10 0.57 -22.45
CA ARG B 296 12.95 -0.58 -22.71
C ARG B 296 13.70 -0.37 -24.02
N PHE B 297 14.94 -0.85 -24.05
CA PHE B 297 15.88 -0.52 -25.10
C PHE B 297 16.59 -1.78 -25.56
N SER B 298 16.68 -1.93 -26.88
CA SER B 298 17.12 -3.17 -27.51
C SER B 298 18.56 -3.56 -27.20
N PHE B 299 19.47 -2.59 -27.22
CA PHE B 299 20.90 -2.90 -27.07
C PHE B 299 21.52 -2.03 -26.02
N VAL B 300 21.85 -2.65 -24.89
CA VAL B 300 22.26 -1.97 -23.65
C VAL B 300 23.40 -2.78 -23.02
N PRO B 301 24.10 -2.20 -22.03
CA PRO B 301 25.17 -2.96 -21.36
C PRO B 301 24.75 -4.37 -20.96
N VAL B 302 25.68 -5.32 -21.08
CA VAL B 302 25.41 -6.72 -20.82
C VAL B 302 26.22 -7.22 -19.62
N VAL B 303 25.62 -8.08 -18.79
CA VAL B 303 26.35 -8.65 -17.67
C VAL B 303 27.26 -9.74 -18.24
N ASP B 304 28.49 -9.33 -18.56
CA ASP B 304 29.46 -10.16 -19.30
C ASP B 304 30.43 -10.97 -18.44
N GLY B 305 30.42 -10.71 -17.13
CA GLY B 305 31.45 -11.24 -16.24
C GLY B 305 32.80 -10.58 -16.45
N ASP B 306 32.83 -9.45 -17.16
CA ASP B 306 34.10 -8.73 -17.46
C ASP B 306 34.04 -7.26 -17.02
N PHE B 307 33.52 -6.39 -17.89
CA PHE B 307 33.28 -5.00 -17.50
C PHE B 307 32.42 -5.01 -16.24
N LEU B 308 31.35 -5.80 -16.26
CA LEU B 308 30.51 -6.05 -15.11
C LEU B 308 30.71 -7.49 -14.62
N SER B 309 31.49 -7.67 -13.55
CA SER B 309 31.81 -9.02 -13.04
C SER B 309 30.61 -9.80 -12.49
N ASP B 310 29.55 -9.10 -12.08
CA ASP B 310 28.29 -9.73 -11.66
C ASP B 310 27.19 -8.73 -12.04
N THR B 311 25.94 -9.03 -11.68
CA THR B 311 24.84 -8.11 -11.94
C THR B 311 25.02 -6.82 -11.15
N PRO B 312 24.52 -5.69 -11.67
CA PRO B 312 24.54 -4.46 -10.86
C PRO B 312 23.98 -4.63 -9.46
N GLU B 313 22.87 -5.37 -9.33
CA GLU B 313 22.28 -5.68 -8.01
C GLU B 313 23.29 -6.34 -7.07
N ALA B 314 23.89 -7.43 -7.53
CA ALA B 314 24.90 -8.15 -6.75
C ALA B 314 26.07 -7.25 -6.35
N LEU B 315 26.50 -6.39 -7.28
CA LEU B 315 27.67 -5.55 -7.05
C LEU B 315 27.42 -4.37 -6.10
N ILE B 316 26.21 -3.83 -6.07
CA ILE B 316 25.91 -2.75 -5.13
C ILE B 316 25.60 -3.33 -3.75
N ASN B 317 25.13 -4.58 -3.72
CA ASN B 317 24.81 -5.22 -2.45
C ASN B 317 26.06 -5.62 -1.68
N THR B 318 27.15 -5.91 -2.40
CA THR B 318 28.37 -6.43 -1.78
C THR B 318 29.57 -5.48 -1.83
N GLY B 319 29.42 -4.34 -2.50
CA GLY B 319 30.55 -3.46 -2.75
C GLY B 319 31.03 -2.68 -1.54
N ASP B 320 32.28 -2.24 -1.59
CA ASP B 320 32.83 -1.32 -0.60
C ASP B 320 32.98 0.07 -1.22
N PHE B 321 32.24 1.04 -0.65
CA PHE B 321 32.15 2.38 -1.24
C PHE B 321 32.65 3.50 -0.32
N GLN B 322 33.57 3.14 0.59
CA GLN B 322 33.99 4.05 1.65
C GLN B 322 34.67 5.35 1.16
N ASP B 323 35.43 5.25 0.08
CA ASP B 323 36.13 6.43 -0.45
C ASP B 323 35.33 7.27 -1.47
N LEU B 324 34.00 7.15 -1.46
CA LEU B 324 33.20 7.68 -2.56
C LEU B 324 32.14 8.70 -2.16
N GLN B 325 32.06 9.77 -2.96
CA GLN B 325 31.01 10.78 -2.84
C GLN B 325 30.07 10.71 -4.01
N VAL B 326 28.77 10.67 -3.74
CA VAL B 326 27.75 10.57 -4.80
C VAL B 326 26.60 11.56 -4.64
N LEU B 327 26.22 12.18 -5.74
CA LEU B 327 25.04 13.04 -5.83
C LEU B 327 24.03 12.34 -6.74
N VAL B 328 22.82 12.10 -6.24
CA VAL B 328 21.78 11.38 -7.01
C VAL B 328 20.44 12.09 -6.92
N GLY B 329 19.63 11.93 -7.95
CA GLY B 329 18.31 12.52 -7.90
C GLY B 329 17.38 12.14 -9.01
N VAL B 330 16.16 12.66 -8.90
CA VAL B 330 15.08 12.39 -9.85
C VAL B 330 14.34 13.70 -10.13
N VAL B 331 13.59 13.73 -11.23
CA VAL B 331 12.68 14.83 -11.50
C VAL B 331 11.29 14.41 -11.03
N LYS B 332 10.37 15.35 -10.94
CA LYS B 332 9.09 15.08 -10.32
C LYS B 332 8.17 14.15 -11.12
N ASP B 333 8.37 14.09 -12.43
CA ASP B 333 7.48 13.29 -13.30
C ASP B 333 8.26 12.44 -14.29
N GLU B 334 9.06 11.54 -13.75
CA GLU B 334 9.96 10.71 -14.55
C GLU B 334 9.28 9.94 -15.70
N GLY B 335 8.05 9.48 -15.49
CA GLY B 335 7.41 8.59 -16.46
C GLY B 335 6.52 9.20 -17.53
N SER B 336 6.15 10.48 -17.37
CA SER B 336 5.16 11.08 -18.26
C SER B 336 5.59 11.03 -19.74
N TYR B 337 6.82 11.48 -19.99
CA TYR B 337 7.40 11.52 -21.32
C TYR B 337 7.21 10.22 -22.09
N PHE B 338 7.40 9.09 -21.41
CA PHE B 338 7.42 7.77 -22.07
C PHE B 338 6.06 7.24 -22.50
N LEU B 339 4.99 7.73 -21.88
CA LEU B 339 3.66 7.19 -22.11
C LEU B 339 3.16 7.43 -23.55
N VAL B 340 3.58 8.55 -24.15
CA VAL B 340 3.14 8.91 -25.52
C VAL B 340 3.79 8.01 -26.58
N TYR B 341 4.83 7.27 -26.17
CA TYR B 341 5.58 6.40 -27.05
C TYR B 341 5.06 4.96 -27.06
N GLY B 342 3.82 4.73 -26.62
CA GLY B 342 3.26 3.38 -26.72
C GLY B 342 2.07 2.97 -25.85
N VAL B 343 1.64 3.83 -24.95
CA VAL B 343 0.48 3.51 -24.13
C VAL B 343 -0.76 4.12 -24.78
N PRO B 344 -1.69 3.26 -25.23
CA PRO B 344 -2.91 3.80 -25.83
C PRO B 344 -3.62 4.79 -24.90
N GLY B 345 -4.03 5.93 -25.46
CA GLY B 345 -4.75 6.97 -24.73
C GLY B 345 -3.93 8.20 -24.39
N PHE B 346 -2.62 8.15 -24.66
CA PHE B 346 -1.72 9.23 -24.29
C PHE B 346 -1.18 9.97 -25.50
N SER B 347 -1.22 11.29 -25.42
CA SER B 347 -0.76 12.17 -26.50
C SER B 347 -0.37 13.49 -25.90
N LYS B 348 0.58 14.19 -26.52
CA LYS B 348 0.95 15.54 -26.11
C LYS B 348 -0.15 16.56 -26.48
N ASP B 349 -0.98 16.21 -27.47
CA ASP B 349 -1.92 17.17 -28.06
C ASP B 349 -3.27 17.30 -27.31
N ASN B 350 -3.45 16.50 -26.25
CA ASN B 350 -4.62 16.61 -25.38
C ASN B 350 -4.30 16.17 -23.95
N GLU B 351 -5.26 16.39 -23.05
CA GLU B 351 -5.06 16.14 -21.62
C GLU B 351 -4.86 14.67 -21.20
N SER B 352 -5.00 13.74 -22.13
CA SER B 352 -4.72 12.30 -21.88
C SER B 352 -5.51 11.69 -20.72
N LEU B 353 -6.79 12.02 -20.66
CA LEU B 353 -7.68 11.50 -19.63
C LEU B 353 -8.07 10.07 -20.01
N ILE B 354 -7.61 9.10 -19.24
CA ILE B 354 -7.83 7.70 -19.61
C ILE B 354 -8.89 6.98 -18.76
N SER B 355 -9.38 5.87 -19.29
CA SER B 355 -10.30 4.98 -18.61
C SER B 355 -9.54 4.03 -17.68
N ARG B 356 -10.29 3.33 -16.84
CA ARG B 356 -9.73 2.25 -16.03
C ARG B 356 -9.16 1.14 -16.93
N ALA B 357 -9.90 0.78 -17.97
CA ALA B 357 -9.47 -0.28 -18.87
C ALA B 357 -8.11 0.07 -19.47
N GLN B 358 -7.98 1.32 -19.89
CA GLN B 358 -6.74 1.84 -20.48
C GLN B 358 -5.60 1.85 -19.48
N PHE B 359 -5.95 1.97 -18.20
CA PHE B 359 -4.96 1.93 -17.13
C PHE B 359 -4.44 0.51 -16.90
N LEU B 360 -5.31 -0.49 -16.89
CA LEU B 360 -4.84 -1.87 -16.75
C LEU B 360 -3.95 -2.29 -17.92
N ALA B 361 -4.36 -1.93 -19.14
CA ALA B 361 -3.62 -2.27 -20.35
C ALA B 361 -2.30 -1.52 -20.42
N GLY B 362 -2.32 -0.28 -19.95
CA GLY B 362 -1.13 0.54 -19.82
C GLY B 362 -0.09 -0.05 -18.87
N VAL B 363 -0.56 -0.63 -17.76
CA VAL B 363 0.33 -1.29 -16.79
C VAL B 363 1.12 -2.48 -17.36
N ARG B 364 0.50 -3.30 -18.22
CA ARG B 364 1.20 -4.44 -18.82
C ARG B 364 2.37 -3.98 -19.69
N ILE B 365 2.26 -2.76 -20.24
CA ILE B 365 3.24 -2.22 -21.17
C ILE B 365 4.32 -1.46 -20.42
N GLY B 366 3.92 -0.83 -19.33
CA GLY B 366 4.87 -0.15 -18.43
C GLY B 366 5.65 -1.11 -17.54
N VAL B 367 5.07 -2.25 -17.23
CA VAL B 367 5.78 -3.26 -16.46
C VAL B 367 5.77 -4.55 -17.27
N PRO B 368 6.49 -4.55 -18.41
CA PRO B 368 6.36 -5.62 -19.40
C PRO B 368 6.79 -6.99 -18.90
N GLN B 369 7.65 -7.01 -17.88
CA GLN B 369 8.16 -8.28 -17.36
C GLN B 369 7.22 -8.92 -16.34
N ALA B 370 6.19 -8.17 -15.94
CA ALA B 370 5.26 -8.57 -14.85
C ALA B 370 4.29 -9.67 -15.22
N SER B 371 4.18 -10.67 -14.34
CA SER B 371 3.16 -11.71 -14.45
C SER B 371 1.77 -11.12 -14.18
N ASP B 372 0.72 -11.86 -14.52
CA ASP B 372 -0.66 -11.42 -14.30
C ASP B 372 -0.86 -10.92 -12.87
N LEU B 373 -0.41 -11.72 -11.90
CA LEU B 373 -0.57 -11.41 -10.48
C LEU B 373 0.17 -10.14 -10.04
N ALA B 374 1.40 -9.97 -10.52
CA ALA B 374 2.22 -8.79 -10.23
C ALA B 374 1.62 -7.50 -10.79
N ALA B 375 1.03 -7.61 -11.99
CA ALA B 375 0.36 -6.50 -12.65
C ALA B 375 -0.84 -6.04 -11.83
N GLU B 376 -1.64 -7.00 -11.37
CA GLU B 376 -2.76 -6.68 -10.50
C GLU B 376 -2.31 -6.02 -9.21
N ALA B 377 -1.21 -6.51 -8.65
CA ALA B 377 -0.65 -5.93 -7.43
C ALA B 377 -0.32 -4.45 -7.67
N VAL B 378 0.24 -4.15 -8.84
CA VAL B 378 0.57 -2.79 -9.22
C VAL B 378 -0.70 -1.95 -9.38
N VAL B 379 -1.68 -2.50 -10.09
CA VAL B 379 -2.94 -1.80 -10.30
C VAL B 379 -3.61 -1.48 -8.95
N LEU B 380 -3.60 -2.46 -8.06
CA LEU B 380 -4.29 -2.29 -6.79
C LEU B 380 -3.57 -1.29 -5.89
N HIS B 381 -2.26 -1.19 -6.02
CA HIS B 381 -1.44 -0.26 -5.24
C HIS B 381 -1.56 1.18 -5.73
N TYR B 382 -1.72 1.35 -7.04
CA TYR B 382 -1.72 2.70 -7.61
C TYR B 382 -3.11 3.27 -7.81
N THR B 383 -4.13 2.40 -7.77
CA THR B 383 -5.51 2.87 -7.72
C THR B 383 -5.74 3.69 -6.43
N ASP B 384 -6.41 4.82 -6.59
CA ASP B 384 -6.98 5.57 -5.47
C ASP B 384 -8.41 5.04 -5.24
N TRP B 385 -8.59 4.29 -4.16
CA TRP B 385 -9.89 3.65 -3.92
C TRP B 385 -11.01 4.60 -3.47
N LEU B 386 -10.68 5.87 -3.25
CA LEU B 386 -11.72 6.91 -3.14
C LEU B 386 -12.23 7.35 -4.51
N HIS B 387 -11.32 7.39 -5.48
CA HIS B 387 -11.66 7.82 -6.84
C HIS B 387 -11.18 6.78 -7.87
N PRO B 388 -11.65 5.53 -7.76
CA PRO B 388 -11.10 4.43 -8.59
C PRO B 388 -11.24 4.58 -10.10
N GLU B 389 -12.17 5.43 -10.55
CA GLU B 389 -12.42 5.54 -12.00
C GLU B 389 -12.17 6.95 -12.56
N ASP B 390 -11.71 7.85 -11.70
CA ASP B 390 -11.44 9.21 -12.10
C ASP B 390 -10.28 9.30 -13.11
N PRO B 391 -10.55 9.82 -14.32
CA PRO B 391 -9.56 9.85 -15.41
C PRO B 391 -8.26 10.61 -15.07
N THR B 392 -8.33 11.72 -14.34
CA THR B 392 -7.15 12.49 -13.92
C THR B 392 -6.22 11.65 -13.01
N HIS B 393 -6.82 10.94 -12.05
CA HIS B 393 -6.07 10.06 -11.14
C HIS B 393 -5.44 8.91 -11.91
N LEU B 394 -6.18 8.35 -12.86
CA LEU B 394 -5.71 7.20 -13.62
C LEU B 394 -4.52 7.55 -14.53
N ARG B 395 -4.59 8.72 -15.16
CA ARG B 395 -3.48 9.24 -15.96
C ARG B 395 -2.24 9.43 -15.08
N ASP B 396 -2.39 10.18 -13.99
CA ASP B 396 -1.25 10.52 -13.14
C ASP B 396 -0.62 9.27 -12.54
N ALA B 397 -1.44 8.25 -12.27
CA ALA B 397 -0.95 7.00 -11.67
C ALA B 397 -0.15 6.19 -12.68
N MET B 398 -0.59 6.23 -13.94
CA MET B 398 0.12 5.59 -15.04
C MET B 398 1.55 6.18 -15.19
N SER B 399 1.63 7.51 -15.17
CA SER B 399 2.91 8.19 -15.18
C SER B 399 3.75 7.73 -14.01
N ALA B 400 3.16 7.80 -12.81
CA ALA B 400 3.81 7.39 -11.57
C ALA B 400 4.34 5.94 -11.61
N VAL B 401 3.55 5.02 -12.14
CA VAL B 401 3.99 3.62 -12.26
C VAL B 401 5.30 3.52 -13.03
N VAL B 402 5.32 4.17 -14.20
CA VAL B 402 6.45 4.14 -15.08
C VAL B 402 7.66 4.83 -14.47
N GLY B 403 7.45 6.02 -13.89
CA GLY B 403 8.55 6.74 -13.22
C GLY B 403 9.16 6.01 -12.02
N ASP B 404 8.30 5.41 -11.17
CA ASP B 404 8.77 4.74 -9.97
C ASP B 404 9.52 3.45 -10.29
N HIS B 405 8.94 2.67 -11.19
CA HIS B 405 9.49 1.37 -11.56
C HIS B 405 10.86 1.49 -12.22
N ASN B 406 11.03 2.54 -13.02
CA ASN B 406 12.21 2.68 -13.87
C ASN B 406 13.29 3.61 -13.31
N VAL B 407 12.88 4.65 -12.55
CA VAL B 407 13.83 5.63 -12.05
C VAL B 407 13.82 5.84 -10.52
N VAL B 408 12.69 6.27 -9.96
CA VAL B 408 12.65 6.66 -8.54
C VAL B 408 13.03 5.52 -7.56
N CYS B 409 12.47 4.34 -7.76
CA CYS B 409 12.77 3.26 -6.82
C CYS B 409 14.17 2.65 -7.05
N PRO B 410 14.57 2.41 -8.31
CA PRO B 410 15.98 2.16 -8.60
C PRO B 410 16.95 3.15 -7.93
N VAL B 411 16.67 4.46 -8.01
CA VAL B 411 17.50 5.48 -7.34
C VAL B 411 17.47 5.31 -5.80
N ALA B 412 16.29 5.08 -5.24
CA ALA B 412 16.14 4.88 -3.79
C ALA B 412 16.94 3.68 -3.30
N GLN B 413 16.90 2.59 -4.05
CA GLN B 413 17.71 1.43 -3.77
C GLN B 413 19.22 1.70 -3.84
N LEU B 414 19.67 2.36 -4.90
CA LEU B 414 21.08 2.73 -5.02
C LEU B 414 21.53 3.63 -3.86
N ALA B 415 20.79 4.71 -3.63
CA ALA B 415 21.13 5.64 -2.58
C ALA B 415 21.30 4.87 -1.27
N GLY B 416 20.37 3.96 -0.99
CA GLY B 416 20.37 3.23 0.27
C GLY B 416 21.57 2.31 0.43
N ARG B 417 21.87 1.53 -0.61
CA ARG B 417 22.99 0.60 -0.56
C ARG B 417 24.34 1.34 -0.45
N LEU B 418 24.52 2.42 -1.21
CA LEU B 418 25.76 3.23 -1.13
C LEU B 418 25.99 3.79 0.28
N ALA B 419 24.94 4.40 0.86
CA ALA B 419 25.04 5.00 2.19
C ALA B 419 25.46 3.95 3.21
N ALA B 420 24.81 2.79 3.16
CA ALA B 420 25.07 1.70 4.10
C ALA B 420 26.49 1.12 3.93
N GLN B 421 26.99 1.11 2.70
CA GLN B 421 28.32 0.57 2.42
C GLN B 421 29.44 1.62 2.37
N GLY B 422 29.31 2.65 3.21
CA GLY B 422 30.36 3.66 3.42
C GLY B 422 30.46 4.86 2.47
N ALA B 423 29.55 5.01 1.51
CA ALA B 423 29.63 6.17 0.61
C ALA B 423 29.05 7.44 1.24
N ARG B 424 29.47 8.59 0.70
CA ARG B 424 28.83 9.85 1.06
C ARG B 424 27.83 10.23 -0.03
N VAL B 425 26.55 10.28 0.33
CA VAL B 425 25.47 10.40 -0.64
C VAL B 425 24.62 11.63 -0.35
N TYR B 426 24.35 12.41 -1.39
CA TYR B 426 23.40 13.51 -1.33
C TYR B 426 22.31 13.23 -2.37
N ALA B 427 21.04 13.37 -1.94
CA ALA B 427 19.90 13.11 -2.82
C ALA B 427 19.05 14.34 -3.06
N TYR B 428 18.36 14.38 -4.21
CA TYR B 428 17.44 15.48 -4.53
C TYR B 428 16.24 15.02 -5.34
N ILE B 429 15.19 15.85 -5.32
CA ILE B 429 14.11 15.78 -6.28
C ILE B 429 13.97 17.14 -6.96
N PHE B 430 13.93 17.14 -8.29
CA PHE B 430 13.86 18.36 -9.05
C PHE B 430 12.39 18.69 -9.45
N GLU B 431 11.91 19.85 -9.01
CA GLU B 431 10.46 20.11 -9.08
C GLU B 431 10.03 21.35 -9.86
N HIS B 432 10.98 22.07 -10.45
CA HIS B 432 10.62 23.23 -11.24
C HIS B 432 10.38 22.88 -12.73
N ARG B 433 9.22 23.26 -13.23
CA ARG B 433 8.89 23.09 -14.66
C ARG B 433 9.33 24.33 -15.45
N ALA B 434 10.24 24.12 -16.40
CA ALA B 434 10.73 25.19 -17.28
C ALA B 434 9.56 25.93 -17.89
N SER B 435 9.59 27.27 -17.78
CA SER B 435 8.56 28.13 -18.33
C SER B 435 8.49 28.07 -19.88
N THR B 436 9.59 27.64 -20.50
CA THR B 436 9.70 27.56 -21.97
C THR B 436 9.35 26.18 -22.54
N LEU B 437 8.93 25.25 -21.66
CA LEU B 437 8.61 23.86 -22.02
C LEU B 437 7.49 23.74 -23.07
N THR B 438 7.73 22.96 -24.11
CA THR B 438 6.75 22.85 -25.21
C THR B 438 5.76 21.68 -25.02
N TRP B 439 6.11 20.74 -24.12
CA TRP B 439 5.23 19.64 -23.73
C TRP B 439 4.04 20.15 -22.92
N PRO B 440 2.89 19.43 -22.94
CA PRO B 440 1.71 19.96 -22.24
C PRO B 440 1.83 19.89 -20.72
N LEU B 441 0.94 20.57 -20.02
CA LEU B 441 0.99 20.70 -18.56
C LEU B 441 0.85 19.37 -17.82
N TRP B 442 0.10 18.45 -18.39
CA TRP B 442 -0.19 17.21 -17.66
C TRP B 442 1.09 16.37 -17.45
N MET B 443 2.09 16.59 -18.30
CA MET B 443 3.36 15.88 -18.18
C MET B 443 4.23 16.40 -17.02
N GLY B 444 3.86 17.58 -16.50
CA GLY B 444 4.56 18.21 -15.38
C GLY B 444 6.03 18.53 -15.63
N VAL B 445 6.91 17.97 -14.79
CA VAL B 445 8.35 18.10 -14.93
C VAL B 445 8.89 16.79 -15.49
N PRO B 446 9.07 16.73 -16.82
CA PRO B 446 9.38 15.45 -17.45
C PRO B 446 10.85 15.06 -17.34
N HIS B 447 11.09 13.77 -17.53
CA HIS B 447 12.42 13.18 -17.67
C HIS B 447 13.29 14.01 -18.62
N GLY B 448 14.44 14.49 -18.12
CA GLY B 448 15.41 15.21 -18.93
C GLY B 448 15.38 16.73 -18.84
N TYR B 449 14.35 17.29 -18.22
CA TYR B 449 14.20 18.76 -18.21
C TYR B 449 14.82 19.52 -17.02
N GLU B 450 15.71 18.85 -16.29
CA GLU B 450 16.55 19.55 -15.32
C GLU B 450 17.89 19.94 -15.96
N ILE B 451 18.28 19.21 -17.01
CA ILE B 451 19.61 19.34 -17.59
C ILE B 451 19.91 20.78 -18.01
N GLU B 452 18.98 21.41 -18.70
CA GLU B 452 19.19 22.77 -19.15
C GLU B 452 19.50 23.76 -18.01
N PHE B 453 19.01 23.48 -16.80
CA PHE B 453 19.20 24.37 -15.66
C PHE B 453 20.58 24.22 -15.04
N ILE B 454 21.02 22.98 -14.94
CA ILE B 454 22.33 22.63 -14.40
C ILE B 454 23.44 23.10 -15.33
N PHE B 455 23.23 23.01 -16.65
CA PHE B 455 24.23 23.52 -17.62
C PHE B 455 24.22 25.04 -17.73
N GLY B 456 23.18 25.66 -17.17
CA GLY B 456 23.13 27.11 -17.00
C GLY B 456 22.57 27.92 -18.14
N LEU B 457 21.79 27.27 -19.02
CA LEU B 457 21.21 27.92 -20.19
C LEU B 457 20.30 29.14 -19.90
N PRO B 458 19.53 29.10 -18.79
CA PRO B 458 18.76 30.31 -18.48
C PRO B 458 19.56 31.62 -18.44
N LEU B 459 20.88 31.53 -18.32
CA LEU B 459 21.75 32.72 -18.28
C LEU B 459 21.90 33.41 -19.64
N ASP B 460 21.55 32.70 -20.71
CA ASP B 460 21.53 33.26 -22.05
C ASP B 460 20.22 34.02 -22.22
N PRO B 461 20.29 35.36 -22.28
CA PRO B 461 19.06 36.17 -22.26
C PRO B 461 18.20 35.98 -23.51
N SER B 462 18.84 35.61 -24.63
CA SER B 462 18.14 35.35 -25.89
C SER B 462 17.18 34.15 -25.83
N LEU B 463 17.32 33.31 -24.80
CA LEU B 463 16.54 32.07 -24.69
C LEU B 463 15.19 32.23 -24.01
N ASN B 464 14.95 33.39 -23.39
CA ASN B 464 13.62 33.75 -22.90
C ASN B 464 13.16 33.06 -21.60
N TYR B 465 14.11 32.61 -20.78
CA TYR B 465 13.79 32.18 -19.41
C TYR B 465 13.49 33.39 -18.53
N THR B 466 12.77 33.18 -17.43
CA THR B 466 12.47 34.26 -16.49
C THR B 466 13.69 34.63 -15.66
N THR B 467 13.64 35.80 -15.04
CA THR B 467 14.65 36.24 -14.08
C THR B 467 14.79 35.26 -12.90
N GLU B 468 13.67 34.71 -12.44
CA GLU B 468 13.63 33.69 -11.38
C GLU B 468 14.46 32.46 -11.75
N GLU B 469 14.29 32.01 -12.99
CA GLU B 469 14.96 30.84 -13.52
C GLU B 469 16.47 31.03 -13.69
N ARG B 470 16.88 32.27 -13.99
CA ARG B 470 18.30 32.60 -14.09
C ARG B 470 18.97 32.49 -12.72
N ILE B 471 18.36 33.09 -11.69
CA ILE B 471 18.84 33.00 -10.31
C ILE B 471 18.89 31.52 -9.84
N PHE B 472 17.88 30.76 -10.21
CA PHE B 472 17.77 29.34 -9.89
C PHE B 472 18.87 28.48 -10.59
N ALA B 473 19.13 28.74 -11.87
CA ALA B 473 20.21 28.05 -12.58
C ALA B 473 21.56 28.32 -11.91
N GLN B 474 21.77 29.57 -11.49
CA GLN B 474 22.99 29.95 -10.78
C GLN B 474 23.17 29.15 -9.48
N ARG B 475 22.07 28.94 -8.74
CA ARG B 475 22.09 28.09 -7.56
C ARG B 475 22.51 26.65 -7.89
N LEU B 476 21.96 26.09 -8.97
CA LEU B 476 22.25 24.68 -9.27
C LEU B 476 23.66 24.50 -9.78
N MET B 477 24.12 25.40 -10.64
CA MET B 477 25.50 25.36 -11.13
C MET B 477 26.45 25.35 -9.95
N LYS B 478 26.05 26.07 -8.91
CA LYS B 478 26.85 26.18 -7.70
C LYS B 478 26.86 24.89 -6.88
N TYR B 479 25.71 24.23 -6.73
CA TYR B 479 25.68 22.95 -6.00
C TYR B 479 26.51 21.91 -6.72
N TRP B 480 26.28 21.77 -8.03
CA TRP B 480 27.03 20.82 -8.86
C TRP B 480 28.55 21.04 -8.81
N THR B 481 28.99 22.28 -9.02
CA THR B 481 30.42 22.57 -9.02
C THR B 481 31.00 22.54 -7.60
N ASN B 482 30.22 22.92 -6.60
CA ASN B 482 30.68 22.74 -5.22
C ASN B 482 30.93 21.29 -4.92
N PHE B 483 29.98 20.46 -5.31
CA PHE B 483 30.15 19.02 -5.23
C PHE B 483 31.42 18.54 -5.97
N ALA B 484 31.67 19.04 -7.19
CA ALA B 484 32.90 18.64 -7.90
C ALA B 484 34.16 19.07 -7.14
N ARG B 485 34.13 20.25 -6.52
CA ARG B 485 35.32 20.77 -5.82
C ARG B 485 35.67 19.98 -4.54
N THR B 486 34.65 19.50 -3.82
CA THR B 486 34.82 19.06 -2.44
C THR B 486 34.10 17.76 -2.09
N GLY B 487 33.15 17.34 -2.93
CA GLY B 487 32.32 16.18 -2.60
C GLY B 487 31.14 16.53 -1.71
N ASP B 488 30.88 17.83 -1.56
CA ASP B 488 29.82 18.36 -0.71
C ASP B 488 29.20 19.54 -1.47
N PRO B 489 27.89 19.47 -1.78
CA PRO B 489 27.30 20.52 -2.62
C PRO B 489 27.01 21.83 -1.87
N ASN B 490 27.22 21.86 -0.57
CA ASN B 490 27.00 23.06 0.21
C ASN B 490 28.09 24.09 -0.01
N ASP B 491 27.67 25.36 -0.11
CA ASP B 491 28.57 26.49 -0.30
C ASP B 491 29.32 26.71 1.01
N PRO B 492 30.67 26.53 0.98
CA PRO B 492 31.49 26.56 2.19
C PRO B 492 31.75 27.99 2.71
N ARG B 493 31.17 28.99 2.03
CA ARG B 493 31.23 30.38 2.48
C ARG B 493 29.88 30.94 2.94
N ASP B 494 28.81 30.55 2.25
CA ASP B 494 27.44 30.84 2.68
C ASP B 494 27.12 30.16 4.02
N SER B 495 26.64 30.96 4.97
CA SER B 495 26.26 30.46 6.29
C SER B 495 24.77 30.05 6.35
N LYS B 496 24.43 28.97 5.62
CA LYS B 496 23.10 28.33 5.65
C LYS B 496 22.22 28.70 4.44
N SER B 497 21.52 27.69 3.89
CA SER B 497 20.55 27.95 2.81
C SER B 497 19.06 27.47 2.96
N PRO B 498 18.72 26.63 3.99
CA PRO B 498 19.48 25.85 4.98
C PRO B 498 20.44 24.85 4.35
N GLN B 499 21.03 23.98 5.16
CA GLN B 499 22.06 23.08 4.66
C GLN B 499 21.45 21.83 4.01
N TRP B 500 22.08 21.36 2.94
CA TRP B 500 21.73 20.10 2.29
C TRP B 500 22.37 18.93 3.03
N PRO B 501 21.58 18.14 3.78
CA PRO B 501 22.23 17.09 4.57
C PRO B 501 22.51 15.84 3.73
N PRO B 502 23.49 15.04 4.14
CA PRO B 502 23.71 13.77 3.41
C PRO B 502 22.55 12.79 3.58
N TYR B 503 22.27 12.02 2.53
CA TYR B 503 21.30 10.93 2.59
C TYR B 503 21.90 9.75 3.38
N THR B 504 21.12 9.19 4.29
CA THR B 504 21.54 8.08 5.16
C THR B 504 20.40 7.08 5.21
N THR B 505 20.68 5.81 5.52
CA THR B 505 19.58 4.83 5.54
C THR B 505 18.60 5.06 6.68
N ALA B 506 19.09 5.55 7.82
CA ALA B 506 18.23 5.91 8.96
C ALA B 506 17.31 7.12 8.69
N ALA B 507 17.88 8.31 8.53
CA ALA B 507 17.09 9.54 8.37
C ALA B 507 16.44 9.69 6.97
N GLN B 508 17.11 9.19 5.94
CA GLN B 508 16.58 9.23 4.56
C GLN B 508 16.32 10.65 4.00
N GLN B 509 17.19 11.59 4.37
CA GLN B 509 17.00 12.98 3.99
C GLN B 509 17.46 13.33 2.58
N TYR B 510 16.63 14.11 1.90
CA TYR B 510 16.91 14.57 0.56
C TYR B 510 16.29 15.97 0.41
N VAL B 511 16.68 16.71 -0.62
CA VAL B 511 16.17 18.07 -0.76
C VAL B 511 15.34 18.27 -2.03
N SER B 512 14.44 19.24 -1.97
CA SER B 512 13.72 19.65 -3.17
C SER B 512 14.48 20.80 -3.83
N LEU B 513 14.68 20.67 -5.13
CA LEU B 513 15.27 21.74 -5.93
C LEU B 513 14.14 22.39 -6.71
N ASN B 514 13.86 23.65 -6.37
CA ASN B 514 12.86 24.45 -7.06
C ASN B 514 13.11 25.94 -6.78
N LEU B 515 12.15 26.80 -7.13
CA LEU B 515 12.36 28.24 -7.01
C LEU B 515 12.46 28.69 -5.56
N LYS B 516 11.72 28.01 -4.67
CA LYS B 516 11.80 28.25 -3.22
C LYS B 516 13.14 27.78 -2.67
N PRO B 517 13.59 28.33 -1.53
CA PRO B 517 14.80 27.82 -0.85
C PRO B 517 14.76 26.30 -0.53
N LEU B 518 15.94 25.67 -0.44
CA LEU B 518 16.03 24.25 -0.10
C LEU B 518 15.11 23.88 1.07
N GLU B 519 14.34 22.83 0.88
CA GLU B 519 13.52 22.24 1.95
C GLU B 519 14.05 20.80 2.11
N VAL B 520 14.25 20.36 3.36
CA VAL B 520 14.69 18.99 3.63
C VAL B 520 13.49 18.07 3.84
N ARG B 521 13.39 17.01 3.04
CA ARG B 521 12.33 16.01 3.22
C ARG B 521 12.92 14.66 3.64
N ARG B 522 12.09 13.77 4.15
CA ARG B 522 12.58 12.48 4.60
C ARG B 522 11.84 11.36 3.89
N GLY B 523 12.58 10.45 3.29
CA GLY B 523 12.01 9.24 2.71
C GLY B 523 11.60 9.44 1.27
N LEU B 524 12.41 8.90 0.36
CA LEU B 524 12.16 9.05 -1.05
C LEU B 524 11.11 8.03 -1.52
N ARG B 525 9.85 8.44 -1.52
CA ARG B 525 8.76 7.57 -1.89
C ARG B 525 8.87 6.21 -1.15
N ALA B 526 9.03 6.27 0.17
CA ALA B 526 9.45 5.09 0.96
C ALA B 526 8.46 3.92 0.95
N GLN B 527 7.17 4.19 1.10
CA GLN B 527 6.17 3.09 1.12
C GLN B 527 6.08 2.44 -0.27
N THR B 528 5.98 3.26 -1.31
CA THR B 528 5.86 2.79 -2.66
C THR B 528 7.11 2.02 -3.13
N CYS B 529 8.31 2.49 -2.75
CA CYS B 529 9.52 1.74 -3.15
C CYS B 529 9.75 0.44 -2.36
N ALA B 530 9.21 0.34 -1.14
CA ALA B 530 9.18 -0.96 -0.47
C ALA B 530 8.41 -1.97 -1.33
N PHE B 531 7.29 -1.53 -1.91
CA PHE B 531 6.52 -2.36 -2.81
C PHE B 531 7.35 -2.89 -4.00
N TRP B 532 8.04 -1.98 -4.70
CA TRP B 532 8.88 -2.34 -5.84
C TRP B 532 10.16 -3.09 -5.48
N ASN B 533 10.83 -2.65 -4.41
CA ASN B 533 12.17 -3.14 -4.08
C ASN B 533 12.18 -4.39 -3.20
N ARG B 534 11.12 -4.54 -2.40
CA ARG B 534 11.04 -5.64 -1.47
C ARG B 534 9.93 -6.64 -1.79
N PHE B 535 8.74 -6.16 -2.11
CA PHE B 535 7.64 -7.07 -2.34
C PHE B 535 7.61 -7.70 -3.73
N LEU B 536 7.62 -6.90 -4.78
CA LEU B 536 7.57 -7.48 -6.12
C LEU B 536 8.61 -8.57 -6.41
N PRO B 537 9.90 -8.35 -6.07
CA PRO B 537 10.87 -9.45 -6.23
C PRO B 537 10.49 -10.76 -5.51
N LYS B 538 9.97 -10.68 -4.29
CA LYS B 538 9.50 -11.87 -3.58
C LYS B 538 8.34 -12.54 -4.31
N LEU B 539 7.56 -11.75 -5.02
CA LEU B 539 6.46 -12.28 -5.79
C LEU B 539 6.98 -12.99 -7.03
N LEU B 540 8.09 -12.49 -7.56
CA LEU B 540 8.81 -13.11 -8.68
C LEU B 540 9.33 -14.48 -8.27
N SER B 541 10.09 -14.52 -7.16
CA SER B 541 10.75 -15.73 -6.66
C SER B 541 9.82 -16.93 -6.54
N ALA B 542 8.84 -16.83 -5.65
CA ALA B 542 7.85 -17.88 -5.41
C ALA B 542 6.92 -18.19 -6.62
N THR B 543 6.80 -17.24 -7.56
CA THR B 543 6.02 -17.46 -8.80
C THR B 543 6.79 -17.02 -10.07
C ACT C . -16.41 -11.13 19.33
O ACT C . -15.99 -10.25 20.12
OXT ACT C . -17.49 -11.67 19.63
CH3 ACT C . -15.63 -11.45 18.11
N1 ACH D . -9.22 -18.05 25.12
C2 ACH D . -8.80 -17.41 23.87
C3 ACH D . -9.96 -16.66 23.22
O4 ACH D . -10.23 -15.50 24.02
C5 ACH D . -10.55 -14.21 23.42
O7 ACH D . -10.79 -14.18 22.23
C6 ACH D . -10.58 -12.99 24.28
C8 ACH D . -8.90 -17.17 26.26
C9 ACH D . -8.50 -19.32 25.23
C10 ACH D . -10.65 -18.31 25.13
N1 ACH E . -17.08 -8.57 23.92
C2 ACH E . -16.66 -9.39 25.07
C3 ACH E . -15.21 -9.86 25.01
O4 ACH E . -15.19 -11.19 24.44
C5 ACH E . -14.24 -11.58 23.39
O7 ACH E . -14.25 -12.73 22.99
C6 ACH E . -13.28 -10.57 22.82
C8 ACH E . -16.63 -7.19 24.09
C9 ACH E . -18.55 -8.59 23.87
C10 ACH E . -16.60 -9.10 22.63
O1 P6G F . -1.21 1.94 -1.92
C2 P6G F . -1.85 1.14 -0.94
C3 P6G F . -1.74 -0.34 -1.30
O4 P6G F . -2.95 -1.03 -0.99
C5 P6G F . -3.67 -1.46 -2.15
C6 P6G F . -3.52 -2.96 -2.42
O7 P6G F . -2.23 -3.24 -2.97
C8 P6G F . -1.90 -4.63 -2.90
C9 P6G F . -0.41 -4.84 -3.11
O10 P6G F . 0.19 -5.02 -1.84
C11 P6G F . 1.44 -5.69 -1.94
C12 P6G F . 2.20 -5.56 -0.63
O13 P6G F . 2.62 -4.21 -0.39
C14 P6G F . 4.00 -4.09 0.02
C15 P6G F . 4.28 -2.78 0.78
O16 P6G F . 3.54 -1.67 0.24
C17 P6G F . 3.24 -0.65 1.19
C18 P6G F . 1.94 0.03 0.81
O19 P6G F . 1.46 0.85 1.87
C ACT G . 17.12 7.15 -20.94
O ACT G . 16.33 8.10 -21.09
OXT ACT G . 18.26 7.27 -21.45
CH3 ACT G . 16.73 5.94 -20.13
N1 ACH H . 11.20 3.90 -30.29
C2 ACH H . 11.94 3.26 -29.19
C3 ACH H . 12.56 4.22 -28.19
O4 ACH H . 11.55 4.74 -27.30
C5 ACH H . 11.87 5.83 -26.39
O7 ACH H . 12.50 5.57 -25.38
C6 ACH H . 11.42 7.21 -26.69
C8 ACH H . 11.76 3.44 -31.56
C9 ACH H . 11.25 5.38 -30.29
C10 ACH H . 9.78 3.47 -30.23
N1 ACH I . 17.02 12.26 -22.81
C2 ACH I . 16.51 12.38 -24.19
C3 ACH I . 15.23 11.59 -24.41
O4 ACH I . 15.64 10.24 -24.66
C5 ACH I . 14.64 9.20 -24.84
O7 ACH I . 14.80 8.13 -24.24
C6 ACH I . 13.47 9.49 -25.73
C8 ACH I . 16.26 13.15 -21.93
C9 ACH I . 18.43 12.67 -22.80
C10 ACH I . 16.94 10.89 -22.28
#